data_8RBK
#
_entry.id   8RBK
#
_cell.length_a   151.433
_cell.length_b   121.247
_cell.length_c   67.355
_cell.angle_alpha   90.00
_cell.angle_beta   113.32
_cell.angle_gamma   90.00
#
_symmetry.space_group_name_H-M   'C 1 2 1'
#
loop_
_entity.id
_entity.type
_entity.pdbx_description
1 polymer 'MGC151858 protein'
2 non-polymer S-ADENOSYL-L-HOMOCYSTEINE
#
_entity_poly.entity_id   1
_entity_poly.type   'polypeptide(L)'
_entity_poly.pdbx_seq_one_letter_code
;GPHMRDELVSRSLQSAEHCLGSQDFGTAYAHYLLVLSLAPELKDDVKETFQYTLFRWAEELDALSRTQDLLGCYEQALEL
FPDDEVICNSMGEHLFRMGFRDEAAGYFHKAVKLNPDFNDAKENFYRVANWLVERWHFIMLNDTKRNTIYNAAIQKAVCS
GSKSVLDIGAGTGILSMFARKAGAHSVYACELSKTMYELACDVVAANEMEEGIKLLHMKSLDIKIPKHIPERVSLVVTET
VDAGLFGEGIVESLIHAWEHLLLQPKTKGENGDCEKYGKVIPASAVIFGIAVECAEIRRHHRVGVKDVAGISLPTNVKFQ
SPAYSSVDGEETIEPYTTEKMSRVPGGYLALTECFEIMTVDFNNLQELKSLATKKPDKIGVPVIKEGVLDAIVVWFVLQL
DDEHSLSTSPSEETCWEQAVYPVHDLADYWIKLGDEVIMEVSCQDCYLRIQSISVFHSEHEMEVGKSFTRNKDLLSFGNE
AELCSALANLQTSKPDVVEQLCVLESTEIALLNNIPYHEGFKMAMKKVLSSLTPEKLGQAMDTQCQNNEMSYESGPSNSD
QSTPEPLYVLDVSEGFSVLPVIAGTLGQVKPYSSVEKDQHRATLDIICEANHFPKDTLEFWLRHVEDESAVLQRPKSDKL
WSIIILDVIEPSGLIQQEIMEKAAISRCLLQSGGKIFPQYVLMFGLLVESQTLMEESAVQGAERTLGFNIAPFINQFQVP
VRVFLDLASLPCIPLSKPVELLRLDLMTPYLNTSNREVKVRICKSGQVTAIPFWYHMYLDDEIRLDTSSEASHWKQAAVV
LDNPIQVEMGDELVLSIQHHKSNVSITIKQ
;
_entity_poly.pdbx_strand_id   A
#
loop_
_chem_comp.id
_chem_comp.type
_chem_comp.name
_chem_comp.formula
SAH non-polymer S-ADENOSYL-L-HOMOCYSTEINE 'C14 H20 N6 O5 S'
#
# COMPACT_ATOMS: atom_id res chain seq x y z
N MET A 4 -48.08 -8.94 -33.24
CA MET A 4 -47.73 -7.83 -32.37
C MET A 4 -46.49 -8.09 -31.53
N ARG A 5 -45.59 -8.92 -32.06
CA ARG A 5 -44.36 -9.27 -31.36
C ARG A 5 -43.17 -8.44 -31.80
N ASP A 6 -43.16 -7.95 -33.04
CA ASP A 6 -42.06 -7.18 -33.58
C ASP A 6 -42.31 -5.68 -33.43
N GLU A 7 -43.50 -5.21 -33.77
CA GLU A 7 -43.81 -3.78 -33.66
C GLU A 7 -43.96 -3.36 -32.20
N LEU A 8 -44.90 -3.98 -31.48
CA LEU A 8 -45.24 -3.54 -30.13
C LEU A 8 -44.15 -3.90 -29.14
N VAL A 9 -43.02 -3.21 -29.19
CA VAL A 9 -41.90 -3.45 -28.29
C VAL A 9 -41.37 -2.12 -27.76
N SER A 10 -40.84 -1.30 -28.66
CA SER A 10 -40.06 -0.13 -28.29
C SER A 10 -40.89 0.98 -27.68
N ARG A 11 -42.16 0.72 -27.39
CA ARG A 11 -42.92 1.64 -26.54
C ARG A 11 -42.26 1.72 -25.17
N SER A 12 -41.65 0.63 -24.72
CA SER A 12 -40.78 0.66 -23.56
C SER A 12 -39.65 1.67 -23.76
N LEU A 13 -39.08 1.72 -24.95
CA LEU A 13 -38.00 2.67 -25.22
C LEU A 13 -38.50 4.12 -25.18
N GLN A 14 -39.65 4.38 -25.80
CA GLN A 14 -40.19 5.74 -25.81
C GLN A 14 -40.63 6.18 -24.42
N SER A 15 -41.03 5.25 -23.57
CA SER A 15 -41.33 5.59 -22.19
C SER A 15 -40.07 5.73 -21.34
N ALA A 16 -39.03 4.95 -21.64
CA ALA A 16 -37.77 5.08 -20.93
C ALA A 16 -37.09 6.40 -21.24
N GLU A 17 -37.30 6.93 -22.45
CA GLU A 17 -36.83 8.28 -22.74
C GLU A 17 -37.49 9.31 -21.82
N HIS A 18 -38.82 9.21 -21.67
CA HIS A 18 -39.53 10.11 -20.75
C HIS A 18 -39.03 9.93 -19.32
N CYS A 19 -38.73 8.69 -18.93
CA CYS A 19 -38.22 8.44 -17.58
C CYS A 19 -36.84 9.05 -17.39
N LEU A 20 -35.98 8.95 -18.42
CA LEU A 20 -34.70 9.66 -18.38
C LEU A 20 -34.91 11.15 -18.21
N GLY A 21 -35.90 11.71 -18.91
CA GLY A 21 -36.22 13.12 -18.75
C GLY A 21 -36.65 13.49 -17.34
N SER A 22 -37.17 12.53 -16.56
CA SER A 22 -37.65 12.77 -15.21
C SER A 22 -36.71 12.21 -14.14
N GLN A 23 -35.45 11.95 -14.50
CA GLN A 23 -34.45 11.39 -13.58
C GLN A 23 -34.95 10.10 -12.94
N ASP A 24 -35.61 9.26 -13.74
CA ASP A 24 -36.17 8.00 -13.28
C ASP A 24 -35.46 6.87 -14.02
N PHE A 25 -34.63 6.11 -13.29
CA PHE A 25 -33.76 5.12 -13.91
C PHE A 25 -34.23 3.69 -13.73
N GLY A 26 -35.08 3.41 -12.74
CA GLY A 26 -35.58 2.05 -12.59
C GLY A 26 -36.52 1.65 -13.71
N THR A 27 -37.50 2.52 -14.00
CA THR A 27 -38.40 2.27 -15.12
C THR A 27 -37.61 2.17 -16.43
N ALA A 28 -36.61 3.03 -16.61
CA ALA A 28 -35.81 3.00 -17.82
C ALA A 28 -35.00 1.70 -17.92
N TYR A 29 -34.45 1.24 -16.80
CA TYR A 29 -33.68 0.00 -16.81
C TYR A 29 -34.59 -1.19 -17.14
N ALA A 30 -35.79 -1.22 -16.55
CA ALA A 30 -36.70 -2.31 -16.85
C ALA A 30 -37.18 -2.26 -18.30
N HIS A 31 -37.43 -1.07 -18.82
CA HIS A 31 -37.84 -0.92 -20.22
C HIS A 31 -36.73 -1.36 -21.17
N TYR A 32 -35.48 -1.00 -20.84
CA TYR A 32 -34.37 -1.42 -21.67
C TYR A 32 -34.14 -2.92 -21.58
N LEU A 33 -34.38 -3.52 -20.42
CA LEU A 33 -34.36 -4.98 -20.30
C LEU A 33 -35.40 -5.61 -21.23
N LEU A 34 -36.63 -5.06 -21.21
CA LEU A 34 -37.68 -5.57 -22.10
C LEU A 34 -37.29 -5.44 -23.56
N VAL A 35 -36.68 -4.30 -23.94
CA VAL A 35 -36.35 -4.08 -25.34
C VAL A 35 -35.20 -4.97 -25.79
N LEU A 36 -34.15 -5.09 -24.95
CA LEU A 36 -32.97 -5.85 -25.35
C LEU A 36 -33.22 -7.35 -25.32
N SER A 37 -33.91 -7.83 -24.28
CA SER A 37 -34.21 -9.26 -24.17
C SER A 37 -35.20 -9.73 -25.23
N LEU A 38 -35.88 -8.81 -25.91
CA LEU A 38 -36.77 -9.17 -27.02
C LEU A 38 -36.20 -8.76 -28.38
N ALA A 39 -35.01 -8.18 -28.43
CA ALA A 39 -34.43 -7.72 -29.69
C ALA A 39 -32.91 -7.72 -29.57
N PRO A 40 -32.28 -8.84 -29.89
CA PRO A 40 -30.81 -8.87 -29.91
C PRO A 40 -30.20 -7.94 -30.96
N GLU A 41 -30.99 -7.50 -31.94
CA GLU A 41 -30.48 -6.60 -32.97
C GLU A 41 -30.17 -5.22 -32.42
N LEU A 42 -30.80 -4.82 -31.32
CA LEU A 42 -30.60 -3.52 -30.71
C LEU A 42 -29.54 -3.52 -29.62
N LYS A 43 -28.82 -4.63 -29.46
CA LYS A 43 -27.84 -4.72 -28.37
C LYS A 43 -26.69 -3.74 -28.55
N ASP A 44 -26.37 -3.38 -29.79
CA ASP A 44 -25.31 -2.41 -30.04
C ASP A 44 -25.84 -1.00 -30.28
N ASP A 45 -27.14 -0.85 -30.54
CA ASP A 45 -27.70 0.47 -30.82
C ASP A 45 -27.90 1.27 -29.54
N VAL A 46 -28.29 0.60 -28.45
CA VAL A 46 -28.56 1.28 -27.19
C VAL A 46 -27.61 0.76 -26.11
N LYS A 47 -26.42 0.34 -26.53
CA LYS A 47 -25.43 -0.19 -25.59
C LYS A 47 -25.04 0.85 -24.55
N GLU A 48 -24.62 2.04 -25.01
CA GLU A 48 -24.11 3.05 -24.11
C GLU A 48 -25.21 3.66 -23.25
N THR A 49 -26.41 3.85 -23.83
CA THR A 49 -27.52 4.41 -23.05
C THR A 49 -27.97 3.43 -21.97
N PHE A 50 -28.02 2.14 -22.30
CA PHE A 50 -28.33 1.14 -21.28
C PHE A 50 -27.24 1.08 -20.22
N GLN A 51 -25.98 1.22 -20.63
CA GLN A 51 -24.88 1.29 -19.67
C GLN A 51 -25.08 2.43 -18.67
N TYR A 52 -25.38 3.63 -19.19
CA TYR A 52 -25.63 4.77 -18.31
C TYR A 52 -26.81 4.51 -17.39
N THR A 53 -27.93 4.03 -17.96
CA THR A 53 -29.13 3.81 -17.17
C THR A 53 -28.86 2.84 -16.04
N LEU A 54 -28.15 1.74 -16.31
CA LEU A 54 -27.88 0.76 -15.27
C LEU A 54 -26.90 1.30 -14.23
N PHE A 55 -25.91 2.11 -14.65
CA PHE A 55 -25.01 2.69 -13.66
C PHE A 55 -25.77 3.60 -12.70
N ARG A 56 -26.60 4.49 -13.23
CA ARG A 56 -27.30 5.42 -12.35
C ARG A 56 -28.36 4.71 -11.51
N TRP A 57 -28.99 3.67 -12.05
CA TRP A 57 -29.93 2.88 -11.26
C TRP A 57 -29.22 2.13 -10.15
N ALA A 58 -28.00 1.64 -10.42
CA ALA A 58 -27.22 0.99 -9.37
C ALA A 58 -26.79 1.99 -8.30
N GLU A 59 -26.49 3.22 -8.69
CA GLU A 59 -26.19 4.25 -7.70
C GLU A 59 -27.41 4.54 -6.84
N GLU A 60 -28.59 4.64 -7.46
CA GLU A 60 -29.82 4.79 -6.69
C GLU A 60 -30.03 3.63 -5.73
N LEU A 61 -29.76 2.40 -6.18
CA LEU A 61 -29.94 1.24 -5.33
C LEU A 61 -28.97 1.23 -4.17
N ASP A 62 -27.71 1.62 -4.41
CA ASP A 62 -26.74 1.68 -3.33
C ASP A 62 -27.08 2.77 -2.33
N ALA A 63 -27.67 3.88 -2.79
CA ALA A 63 -28.10 4.92 -1.86
C ALA A 63 -29.19 4.40 -0.92
N LEU A 64 -29.99 3.45 -1.38
CA LEU A 64 -31.05 2.85 -0.57
C LEU A 64 -30.61 1.60 0.17
N SER A 65 -29.30 1.32 0.19
CA SER A 65 -28.75 0.12 0.83
C SER A 65 -29.38 -1.15 0.25
N ARG A 66 -29.47 -1.20 -1.07
CA ARG A 66 -30.08 -2.30 -1.79
C ARG A 66 -29.05 -3.07 -2.62
N THR A 67 -27.89 -3.36 -2.03
CA THR A 67 -26.90 -4.21 -2.68
C THR A 67 -27.50 -5.57 -3.01
N GLN A 68 -28.30 -6.10 -2.08
CA GLN A 68 -29.18 -7.27 -2.23
C GLN A 68 -29.59 -7.53 -3.66
N ASP A 69 -30.19 -6.54 -4.30
CA ASP A 69 -30.63 -6.64 -5.69
C ASP A 69 -29.73 -5.89 -6.66
N LEU A 70 -28.83 -5.03 -6.18
CA LEU A 70 -27.86 -4.39 -7.07
C LEU A 70 -26.95 -5.42 -7.73
N LEU A 71 -26.47 -6.40 -6.95
CA LEU A 71 -25.63 -7.44 -7.54
C LEU A 71 -26.39 -8.23 -8.60
N GLY A 72 -27.66 -8.53 -8.34
CA GLY A 72 -28.47 -9.24 -9.32
C GLY A 72 -28.74 -8.43 -10.57
N CYS A 73 -28.93 -7.11 -10.40
CA CYS A 73 -29.09 -6.23 -11.56
C CYS A 73 -27.84 -6.23 -12.42
N TYR A 74 -26.66 -6.14 -11.78
CA TYR A 74 -25.42 -6.23 -12.53
C TYR A 74 -25.29 -7.58 -13.23
N GLU A 75 -25.75 -8.65 -12.57
CA GLU A 75 -25.71 -9.98 -13.17
C GLU A 75 -26.60 -10.05 -14.41
N GLN A 76 -27.79 -9.44 -14.34
CA GLN A 76 -28.66 -9.39 -15.52
C GLN A 76 -28.00 -8.60 -16.64
N ALA A 77 -27.35 -7.49 -16.30
CA ALA A 77 -26.62 -6.71 -17.30
C ALA A 77 -25.57 -7.57 -18.01
N LEU A 78 -24.88 -8.43 -17.24
CA LEU A 78 -23.97 -9.39 -17.87
C LEU A 78 -24.72 -10.41 -18.74
N GLU A 79 -25.88 -10.88 -18.27
CA GLU A 79 -26.60 -11.90 -19.03
C GLU A 79 -27.01 -11.37 -20.41
N LEU A 80 -27.35 -10.08 -20.48
CA LEU A 80 -27.72 -9.52 -21.79
C LEU A 80 -26.55 -9.51 -22.76
N PHE A 81 -25.35 -9.21 -22.27
CA PHE A 81 -24.16 -9.12 -23.12
C PHE A 81 -23.18 -10.22 -22.77
N PRO A 82 -23.05 -11.27 -23.60
CA PRO A 82 -22.20 -12.41 -23.21
C PRO A 82 -20.71 -12.08 -23.19
N ASP A 83 -20.00 -12.38 -24.26
CA ASP A 83 -18.57 -12.09 -24.36
C ASP A 83 -18.40 -10.61 -24.71
N ASP A 84 -18.33 -9.77 -23.68
CA ASP A 84 -18.17 -8.32 -23.84
C ASP A 84 -17.25 -7.84 -22.73
N GLU A 85 -15.94 -7.94 -22.97
CA GLU A 85 -14.96 -7.55 -21.96
C GLU A 85 -15.05 -6.07 -21.63
N VAL A 86 -15.54 -5.25 -22.56
CA VAL A 86 -15.67 -3.82 -22.31
C VAL A 86 -16.68 -3.55 -21.19
N ILE A 87 -17.88 -4.15 -21.32
CA ILE A 87 -18.91 -3.96 -20.30
C ILE A 87 -18.48 -4.60 -18.98
N CYS A 88 -17.89 -5.80 -19.05
CA CYS A 88 -17.38 -6.46 -17.85
C CYS A 88 -16.42 -5.53 -17.11
N ASN A 89 -15.46 -4.95 -17.83
CA ASN A 89 -14.46 -4.09 -17.21
C ASN A 89 -15.09 -2.82 -16.62
N SER A 90 -15.87 -2.11 -17.43
CA SER A 90 -16.49 -0.86 -16.97
C SER A 90 -17.36 -1.10 -15.75
N MET A 91 -18.17 -2.16 -15.77
CA MET A 91 -19.03 -2.47 -14.66
C MET A 91 -18.24 -2.91 -13.44
N GLY A 92 -17.12 -3.58 -13.66
CA GLY A 92 -16.24 -3.92 -12.55
C GLY A 92 -15.66 -2.68 -11.90
N GLU A 93 -15.28 -1.68 -12.69
CA GLU A 93 -14.79 -0.44 -12.10
C GLU A 93 -15.91 0.28 -11.33
N HIS A 94 -17.13 0.25 -11.86
CA HIS A 94 -18.24 0.87 -11.14
C HIS A 94 -18.55 0.15 -9.84
N LEU A 95 -18.40 -1.17 -9.82
CA LEU A 95 -18.61 -1.92 -8.57
C LEU A 95 -17.46 -1.68 -7.59
N PHE A 96 -16.23 -1.59 -8.11
CA PHE A 96 -15.06 -1.27 -7.29
C PHE A 96 -15.20 0.09 -6.65
N ARG A 97 -15.78 1.05 -7.39
CA ARG A 97 -15.93 2.41 -6.89
C ARG A 97 -16.94 2.47 -5.75
N MET A 98 -18.04 1.72 -5.86
CA MET A 98 -19.07 1.72 -4.83
C MET A 98 -18.67 0.95 -3.58
N GLY A 99 -17.48 0.34 -3.57
CA GLY A 99 -17.00 -0.37 -2.40
C GLY A 99 -17.32 -1.84 -2.35
N PHE A 100 -17.49 -2.48 -3.51
CA PHE A 100 -17.84 -3.89 -3.58
C PHE A 100 -16.70 -4.62 -4.30
N ARG A 101 -15.52 -4.63 -3.67
CA ARG A 101 -14.35 -5.25 -4.28
C ARG A 101 -14.48 -6.77 -4.32
N ASP A 102 -15.00 -7.35 -3.24
CA ASP A 102 -15.18 -8.80 -3.16
C ASP A 102 -16.03 -9.32 -4.31
N GLU A 103 -16.91 -8.49 -4.86
CA GLU A 103 -17.78 -8.87 -5.97
C GLU A 103 -17.23 -8.45 -7.32
N ALA A 104 -16.57 -7.28 -7.39
CA ALA A 104 -15.98 -6.83 -8.65
C ALA A 104 -14.77 -7.65 -9.05
N ALA A 105 -14.15 -8.36 -8.10
CA ALA A 105 -13.03 -9.24 -8.45
C ALA A 105 -13.43 -10.28 -9.49
N GLY A 106 -14.61 -10.89 -9.32
CA GLY A 106 -15.06 -11.87 -10.29
C GLY A 106 -15.35 -11.27 -11.64
N TYR A 107 -15.90 -10.05 -11.67
CA TYR A 107 -16.16 -9.40 -12.95
C TYR A 107 -14.85 -9.09 -13.68
N PHE A 108 -13.83 -8.65 -12.94
CA PHE A 108 -12.53 -8.43 -13.56
C PHE A 108 -11.92 -9.73 -14.05
N HIS A 109 -12.06 -10.80 -13.27
CA HIS A 109 -11.56 -12.10 -13.69
C HIS A 109 -12.23 -12.56 -14.98
N LYS A 110 -13.54 -12.38 -15.09
CA LYS A 110 -14.23 -12.76 -16.31
C LYS A 110 -13.83 -11.87 -17.49
N ALA A 111 -13.65 -10.57 -17.24
CA ALA A 111 -13.20 -9.68 -18.30
C ALA A 111 -11.84 -10.09 -18.82
N VAL A 112 -10.95 -10.56 -17.94
CA VAL A 112 -9.65 -11.04 -18.37
C VAL A 112 -9.79 -12.38 -19.10
N LYS A 113 -10.72 -13.22 -18.64
CA LYS A 113 -10.92 -14.52 -19.28
C LYS A 113 -11.46 -14.38 -20.70
N LEU A 114 -12.27 -13.34 -20.95
CA LEU A 114 -12.78 -13.13 -22.30
C LEU A 114 -11.71 -12.61 -23.24
N ASN A 115 -10.72 -11.88 -22.71
CA ASN A 115 -9.62 -11.35 -23.51
C ASN A 115 -8.43 -11.18 -22.58
N PRO A 116 -7.47 -12.12 -22.60
CA PRO A 116 -6.31 -12.01 -21.71
C PRO A 116 -5.39 -10.84 -22.02
N ASP A 117 -5.56 -10.20 -23.18
CA ASP A 117 -4.74 -9.06 -23.56
C ASP A 117 -5.43 -7.72 -23.28
N PHE A 118 -6.59 -7.74 -22.63
CA PHE A 118 -7.26 -6.50 -22.26
C PHE A 118 -6.42 -5.78 -21.22
N ASN A 119 -5.90 -4.60 -21.57
CA ASN A 119 -4.97 -3.89 -20.70
C ASN A 119 -5.64 -3.49 -19.39
N ASP A 120 -6.70 -2.68 -19.49
CA ASP A 120 -7.33 -2.13 -18.29
C ASP A 120 -7.94 -3.21 -17.41
N ALA A 121 -8.43 -4.29 -18.02
CA ALA A 121 -9.01 -5.38 -17.23
C ALA A 121 -7.99 -5.97 -16.26
N LYS A 122 -6.82 -6.36 -16.77
CA LYS A 122 -5.78 -6.89 -15.90
C LYS A 122 -5.25 -5.81 -14.96
N GLU A 123 -5.10 -4.58 -15.45
CA GLU A 123 -4.56 -3.51 -14.63
C GLU A 123 -5.52 -3.13 -13.48
N ASN A 124 -6.79 -3.49 -13.59
CA ASN A 124 -7.73 -3.31 -12.48
C ASN A 124 -7.84 -4.55 -11.60
N PHE A 125 -7.76 -5.73 -12.22
CA PHE A 125 -7.74 -6.96 -11.44
C PHE A 125 -6.55 -6.99 -10.49
N TYR A 126 -5.43 -6.42 -10.90
CA TYR A 126 -4.27 -6.37 -10.00
C TYR A 126 -4.56 -5.46 -8.80
N ARG A 127 -5.25 -4.34 -9.02
CA ARG A 127 -5.67 -3.50 -7.90
C ARG A 127 -6.54 -4.28 -6.93
N VAL A 128 -7.55 -4.97 -7.47
CA VAL A 128 -8.49 -5.70 -6.61
C VAL A 128 -7.78 -6.82 -5.86
N ALA A 129 -6.85 -7.51 -6.53
CA ALA A 129 -6.12 -8.59 -5.88
C ALA A 129 -5.18 -8.07 -4.81
N ASN A 130 -4.56 -6.91 -5.05
CA ASN A 130 -3.71 -6.29 -4.03
C ASN A 130 -4.54 -5.89 -2.81
N TRP A 131 -5.76 -5.41 -3.04
CA TRP A 131 -6.61 -5.06 -1.91
C TRP A 131 -7.11 -6.30 -1.16
N LEU A 132 -7.38 -7.39 -1.89
CA LEU A 132 -7.94 -8.59 -1.27
C LEU A 132 -6.87 -9.39 -0.53
N VAL A 133 -5.93 -9.96 -1.27
CA VAL A 133 -4.86 -10.76 -0.68
C VAL A 133 -3.72 -9.84 -0.27
N GLU A 134 -3.23 -10.01 0.94
CA GLU A 134 -2.17 -9.17 1.49
C GLU A 134 -0.81 -9.79 1.21
N ARG A 135 0.19 -8.94 0.97
CA ARG A 135 1.48 -9.40 0.46
C ARG A 135 2.20 -10.29 1.46
N TRP A 136 2.14 -9.94 2.75
CA TRP A 136 2.91 -10.68 3.75
C TRP A 136 2.52 -12.14 3.84
N HIS A 137 1.29 -12.49 3.43
CA HIS A 137 0.91 -13.90 3.33
C HIS A 137 1.93 -14.68 2.52
N PHE A 138 2.32 -14.15 1.35
CA PHE A 138 3.30 -14.82 0.52
C PHE A 138 4.62 -15.02 1.24
N ILE A 139 4.99 -14.08 2.11
CA ILE A 139 6.24 -14.22 2.85
C ILE A 139 6.09 -15.24 3.97
N MET A 140 4.87 -15.43 4.45
CA MET A 140 4.62 -16.40 5.53
C MET A 140 4.63 -17.83 5.00
N LEU A 141 3.96 -18.08 3.88
CA LEU A 141 3.90 -19.43 3.33
C LEU A 141 5.28 -19.90 2.86
N ASN A 142 6.15 -18.97 2.49
CA ASN A 142 7.49 -19.32 2.02
C ASN A 142 8.49 -19.49 3.15
N ASP A 143 8.12 -19.18 4.39
CA ASP A 143 8.99 -19.37 5.54
C ASP A 143 9.01 -20.85 5.89
N THR A 144 10.06 -21.56 5.45
CA THR A 144 10.17 -22.98 5.76
C THR A 144 10.35 -23.22 7.25
N LYS A 145 11.12 -22.35 7.92
CA LYS A 145 11.33 -22.47 9.35
C LYS A 145 10.01 -22.36 10.12
N ARG A 146 9.23 -21.33 9.81
CA ARG A 146 7.95 -21.13 10.47
C ARG A 146 7.03 -22.34 10.29
N ASN A 147 6.88 -22.79 9.04
CA ASN A 147 5.99 -23.91 8.77
C ASN A 147 6.45 -25.18 9.47
N THR A 148 7.75 -25.47 9.42
CA THR A 148 8.26 -26.68 10.04
C THR A 148 8.05 -26.65 11.56
N ILE A 149 8.37 -25.52 12.19
CA ILE A 149 8.26 -25.44 13.65
C ILE A 149 6.79 -25.49 14.07
N TYR A 150 5.91 -24.82 13.32
CA TYR A 150 4.48 -24.87 13.65
C TYR A 150 3.92 -26.28 13.49
N ASN A 151 4.32 -26.98 12.42
CA ASN A 151 3.87 -28.36 12.25
C ASN A 151 4.35 -29.24 13.39
N ALA A 152 5.62 -29.09 13.78
CA ALA A 152 6.16 -29.90 14.88
C ALA A 152 5.42 -29.62 16.18
N ALA A 153 5.16 -28.34 16.48
CA ALA A 153 4.46 -28.00 17.71
C ALA A 153 3.03 -28.50 17.72
N ILE A 154 2.32 -28.35 16.59
CA ILE A 154 0.94 -28.82 16.53
C ILE A 154 0.88 -30.35 16.63
N GLN A 155 1.85 -31.04 16.02
CA GLN A 155 1.91 -32.49 16.14
C GLN A 155 2.18 -32.91 17.58
N LYS A 156 3.10 -32.22 18.26
CA LYS A 156 3.38 -32.51 19.65
C LYS A 156 2.16 -32.26 20.54
N ALA A 157 1.36 -31.25 20.20
CA ALA A 157 0.15 -30.98 20.97
C ALA A 157 -0.92 -32.04 20.70
N VAL A 158 -1.01 -32.51 19.46
CA VAL A 158 -2.01 -33.52 19.13
C VAL A 158 -1.66 -34.85 19.79
N CYS A 159 -0.38 -35.23 19.78
CA CYS A 159 0.02 -36.49 20.39
C CYS A 159 -0.18 -36.50 21.91
N SER A 160 -0.27 -35.33 22.53
CA SER A 160 -0.48 -35.24 23.97
C SER A 160 -1.92 -35.49 24.39
N GLY A 161 -2.83 -35.69 23.44
CA GLY A 161 -4.23 -35.93 23.75
C GLY A 161 -5.20 -34.95 23.12
N SER A 162 -4.74 -33.94 22.40
CA SER A 162 -5.63 -32.97 21.77
C SER A 162 -6.19 -33.56 20.48
N LYS A 163 -7.47 -33.90 20.50
CA LYS A 163 -8.13 -34.43 19.32
C LYS A 163 -9.03 -33.42 18.63
N SER A 164 -9.41 -32.34 19.31
CA SER A 164 -10.24 -31.28 18.75
C SER A 164 -9.40 -30.01 18.66
N VAL A 165 -9.22 -29.51 17.44
CA VAL A 165 -8.38 -28.35 17.18
C VAL A 165 -9.21 -27.27 16.49
N LEU A 166 -9.05 -26.04 16.95
CA LEU A 166 -9.68 -24.87 16.34
C LEU A 166 -8.60 -23.90 15.88
N ASP A 167 -8.71 -23.45 14.63
CA ASP A 167 -7.71 -22.57 14.03
C ASP A 167 -8.31 -21.18 13.88
N ILE A 168 -7.73 -20.21 14.60
CA ILE A 168 -8.14 -18.81 14.50
C ILE A 168 -7.21 -18.12 13.52
N GLY A 169 -7.78 -17.39 12.56
CA GLY A 169 -7.00 -16.81 11.50
C GLY A 169 -6.37 -17.88 10.64
N ALA A 170 -7.19 -18.76 10.08
CA ALA A 170 -6.68 -19.89 9.33
C ALA A 170 -6.05 -19.46 8.00
N GLY A 171 -6.58 -18.41 7.38
CA GLY A 171 -6.07 -17.95 6.11
C GLY A 171 -6.16 -19.00 5.02
N THR A 172 -5.02 -19.63 4.70
CA THR A 172 -4.98 -20.68 3.70
C THR A 172 -5.33 -22.05 4.27
N GLY A 173 -5.60 -22.15 5.57
CA GLY A 173 -5.90 -23.42 6.18
C GLY A 173 -4.72 -24.36 6.28
N ILE A 174 -3.50 -23.84 6.17
CA ILE A 174 -2.33 -24.71 6.24
C ILE A 174 -2.10 -25.21 7.65
N LEU A 175 -2.48 -24.43 8.67
CA LEU A 175 -2.36 -24.90 10.04
C LEU A 175 -3.38 -25.99 10.34
N SER A 176 -4.61 -25.83 9.84
CA SER A 176 -5.60 -26.88 9.98
C SER A 176 -5.15 -28.15 9.26
N MET A 177 -4.46 -28.00 8.14
CA MET A 177 -3.95 -29.18 7.43
C MET A 177 -2.79 -29.82 8.18
N PHE A 178 -1.95 -29.01 8.84
CA PHE A 178 -0.94 -29.57 9.73
C PHE A 178 -1.58 -30.38 10.85
N ALA A 179 -2.64 -29.86 11.45
CA ALA A 179 -3.32 -30.58 12.52
C ALA A 179 -3.97 -31.86 12.01
N ARG A 180 -4.61 -31.79 10.83
CA ARG A 180 -5.30 -32.96 10.28
C ARG A 180 -4.30 -34.05 9.92
N LYS A 181 -3.21 -33.68 9.25
CA LYS A 181 -2.19 -34.66 8.89
C LYS A 181 -1.53 -35.25 10.11
N ALA A 182 -1.43 -34.48 11.20
CA ALA A 182 -0.83 -34.98 12.43
C ALA A 182 -1.71 -36.03 13.11
N GLY A 183 -2.98 -36.13 12.72
CA GLY A 183 -3.89 -37.07 13.29
C GLY A 183 -5.00 -36.48 14.16
N ALA A 184 -5.32 -35.19 13.99
CA ALA A 184 -6.39 -34.59 14.78
C ALA A 184 -7.74 -35.12 14.32
N HIS A 185 -8.59 -35.48 15.27
CA HIS A 185 -9.89 -36.05 14.94
C HIS A 185 -10.83 -34.99 14.41
N SER A 186 -10.98 -33.88 15.13
CA SER A 186 -11.87 -32.79 14.75
C SER A 186 -11.05 -31.53 14.53
N VAL A 187 -11.09 -30.99 13.31
CA VAL A 187 -10.36 -29.78 12.95
C VAL A 187 -11.37 -28.75 12.47
N TYR A 188 -11.36 -27.57 13.09
CA TYR A 188 -12.23 -26.47 12.71
C TYR A 188 -11.39 -25.24 12.43
N ALA A 189 -11.78 -24.48 11.41
CA ALA A 189 -11.02 -23.30 11.01
C ALA A 189 -11.98 -22.15 10.72
N CYS A 190 -11.53 -20.94 11.02
CA CYS A 190 -12.31 -19.74 10.80
C CYS A 190 -11.42 -18.64 10.24
N GLU A 191 -11.97 -17.84 9.32
CA GLU A 191 -11.24 -16.77 8.67
C GLU A 191 -12.23 -15.67 8.30
N LEU A 192 -11.88 -14.43 8.64
CA LEU A 192 -12.80 -13.32 8.43
C LEU A 192 -12.92 -12.94 6.96
N SER A 193 -11.85 -13.11 6.19
CA SER A 193 -11.84 -12.66 4.81
C SER A 193 -12.66 -13.59 3.93
N LYS A 194 -13.46 -13.00 3.04
CA LYS A 194 -14.25 -13.78 2.09
C LYS A 194 -13.35 -14.54 1.12
N THR A 195 -12.39 -13.84 0.52
CA THR A 195 -11.51 -14.47 -0.47
C THR A 195 -10.64 -15.54 0.17
N MET A 196 -10.20 -15.31 1.41
CA MET A 196 -9.34 -16.28 2.07
C MET A 196 -10.11 -17.57 2.37
N TYR A 197 -11.34 -17.45 2.87
CA TYR A 197 -12.20 -18.62 3.00
C TYR A 197 -12.42 -19.30 1.65
N GLU A 198 -12.61 -18.50 0.60
CA GLU A 198 -12.85 -19.04 -0.73
C GLU A 198 -11.72 -19.96 -1.18
N LEU A 199 -10.48 -19.46 -1.14
CA LEU A 199 -9.40 -20.32 -1.64
C LEU A 199 -8.93 -21.32 -0.59
N ALA A 200 -9.27 -21.12 0.68
CA ALA A 200 -8.99 -22.14 1.69
C ALA A 200 -9.85 -23.37 1.45
N CYS A 201 -11.10 -23.16 1.03
CA CYS A 201 -11.92 -24.30 0.60
C CYS A 201 -11.22 -25.08 -0.49
N ASP A 202 -10.69 -24.38 -1.50
CA ASP A 202 -10.01 -25.04 -2.62
C ASP A 202 -8.77 -25.79 -2.14
N VAL A 203 -7.98 -25.16 -1.27
CA VAL A 203 -6.74 -25.79 -0.80
C VAL A 203 -7.05 -27.04 0.01
N VAL A 204 -8.06 -26.97 0.88
CA VAL A 204 -8.42 -28.13 1.69
C VAL A 204 -8.99 -29.24 0.81
N ALA A 205 -9.74 -28.88 -0.24
CA ALA A 205 -10.32 -29.89 -1.11
C ALA A 205 -9.25 -30.58 -1.95
N ALA A 206 -8.36 -29.81 -2.57
CA ALA A 206 -7.35 -30.40 -3.44
C ALA A 206 -6.35 -31.25 -2.66
N ASN A 207 -6.03 -30.85 -1.44
CA ASN A 207 -5.16 -31.65 -0.59
C ASN A 207 -5.89 -32.82 0.06
N GLU A 208 -7.16 -33.01 -0.26
CA GLU A 208 -7.95 -34.17 0.18
C GLU A 208 -8.04 -34.22 1.71
N MET A 209 -8.57 -33.13 2.28
CA MET A 209 -8.74 -33.06 3.74
C MET A 209 -10.04 -32.39 4.14
N GLU A 210 -11.05 -32.38 3.26
CA GLU A 210 -12.35 -31.82 3.61
C GLU A 210 -13.16 -32.76 4.51
N GLU A 211 -12.59 -33.88 4.92
CA GLU A 211 -13.25 -34.82 5.82
C GLU A 211 -13.47 -34.19 7.19
N GLY A 212 -12.38 -34.05 7.96
CA GLY A 212 -12.47 -33.55 9.32
C GLY A 212 -12.06 -32.11 9.50
N ILE A 213 -12.05 -31.34 8.42
CA ILE A 213 -11.76 -29.91 8.47
C ILE A 213 -13.04 -29.16 8.11
N LYS A 214 -13.61 -28.47 9.09
CA LYS A 214 -14.82 -27.69 8.90
C LYS A 214 -14.46 -26.21 8.84
N LEU A 215 -14.77 -25.56 7.73
CA LEU A 215 -14.39 -24.18 7.47
C LEU A 215 -15.55 -23.25 7.74
N LEU A 216 -15.24 -22.09 8.33
CA LEU A 216 -16.24 -21.08 8.64
C LEU A 216 -15.78 -19.73 8.11
N HIS A 217 -16.75 -18.92 7.67
CA HIS A 217 -16.50 -17.56 7.21
C HIS A 217 -17.03 -16.62 8.28
N MET A 218 -16.19 -16.34 9.28
CA MET A 218 -16.56 -15.48 10.39
C MET A 218 -15.33 -15.21 11.24
N LYS A 219 -15.39 -14.14 12.01
CA LYS A 219 -14.37 -13.90 13.02
C LYS A 219 -14.56 -14.85 14.19
N SER A 220 -13.47 -15.12 14.90
CA SER A 220 -13.56 -15.98 16.08
C SER A 220 -14.53 -15.43 17.11
N LEU A 221 -14.65 -14.10 17.19
CA LEU A 221 -15.57 -13.46 18.11
C LEU A 221 -17.04 -13.71 17.76
N ASP A 222 -17.31 -14.35 16.62
CA ASP A 222 -18.68 -14.65 16.21
C ASP A 222 -19.07 -16.11 16.38
N ILE A 223 -18.12 -16.98 16.75
CA ILE A 223 -18.40 -18.41 16.83
C ILE A 223 -19.32 -18.69 18.01
N LYS A 224 -20.30 -19.56 17.78
CA LYS A 224 -21.26 -19.97 18.80
C LYS A 224 -21.31 -21.48 18.90
N ILE A 225 -21.47 -21.99 20.11
CA ILE A 225 -21.60 -23.41 20.39
C ILE A 225 -23.01 -23.68 20.88
N PRO A 226 -23.71 -24.70 20.36
CA PRO A 226 -23.24 -25.62 19.32
C PRO A 226 -23.74 -25.26 17.93
N LYS A 227 -24.01 -23.98 17.69
CA LYS A 227 -24.51 -23.55 16.39
C LYS A 227 -23.50 -23.86 15.30
N HIS A 228 -22.24 -23.50 15.52
CA HIS A 228 -21.19 -23.72 14.52
C HIS A 228 -20.38 -24.96 14.88
N ILE A 229 -19.35 -24.79 15.71
CA ILE A 229 -18.58 -25.92 16.21
C ILE A 229 -19.39 -26.59 17.31
N PRO A 230 -19.35 -27.93 17.43
CA PRO A 230 -20.26 -28.60 18.35
C PRO A 230 -19.82 -28.62 19.81
N GLU A 231 -18.56 -28.34 20.11
CA GLU A 231 -18.09 -28.47 21.49
C GLU A 231 -16.86 -27.60 21.71
N ARG A 232 -16.48 -27.47 22.97
CA ARG A 232 -15.24 -26.80 23.34
C ARG A 232 -14.05 -27.66 22.92
N VAL A 233 -13.12 -27.07 22.18
CA VAL A 233 -12.00 -27.82 21.64
C VAL A 233 -10.90 -27.93 22.69
N SER A 234 -10.00 -28.89 22.49
CA SER A 234 -8.87 -29.10 23.38
C SER A 234 -7.62 -28.37 22.93
N LEU A 235 -7.57 -27.88 21.70
CA LEU A 235 -6.41 -27.16 21.19
C LEU A 235 -6.87 -25.99 20.34
N VAL A 236 -6.16 -24.86 20.47
CA VAL A 236 -6.43 -23.67 19.69
C VAL A 236 -5.11 -23.19 19.07
N VAL A 237 -5.04 -23.20 17.76
CA VAL A 237 -3.87 -22.73 17.03
C VAL A 237 -4.21 -21.41 16.36
N THR A 238 -3.19 -20.57 16.17
CA THR A 238 -3.38 -19.25 15.57
C THR A 238 -2.02 -18.70 15.17
N GLU A 239 -2.06 -17.77 14.21
CA GLU A 239 -0.89 -17.00 13.81
C GLU A 239 -1.26 -15.53 13.64
N THR A 240 -2.25 -15.06 14.41
CA THR A 240 -2.72 -13.68 14.31
C THR A 240 -1.77 -12.76 15.09
N VAL A 241 -0.54 -12.66 14.57
CA VAL A 241 0.51 -11.86 15.18
C VAL A 241 1.19 -11.06 14.09
N ASP A 242 1.70 -9.89 14.47
CA ASP A 242 2.37 -8.98 13.53
C ASP A 242 3.72 -8.60 14.14
N ALA A 243 4.28 -7.49 13.65
CA ALA A 243 5.55 -7.02 14.18
C ALA A 243 5.42 -6.63 15.66
N GLY A 244 4.31 -6.00 16.03
CA GLY A 244 4.07 -5.63 17.41
C GLY A 244 3.23 -6.65 18.15
N LEU A 245 3.23 -7.89 17.67
CA LEU A 245 2.49 -9.00 18.27
C LEU A 245 1.00 -8.71 18.36
N PHE A 246 0.60 -7.79 19.24
CA PHE A 246 -0.81 -7.53 19.49
C PHE A 246 -1.50 -6.76 18.38
N GLY A 247 -0.80 -6.44 17.28
CA GLY A 247 -1.39 -5.63 16.24
C GLY A 247 -2.57 -6.27 15.54
N GLU A 248 -2.59 -7.61 15.48
CA GLU A 248 -3.68 -8.33 14.83
C GLU A 248 -4.73 -8.81 15.81
N GLY A 249 -4.67 -8.37 17.06
CA GLY A 249 -5.71 -8.67 18.03
C GLY A 249 -5.77 -10.11 18.48
N ILE A 250 -4.67 -10.63 19.02
CA ILE A 250 -4.69 -11.99 19.54
C ILE A 250 -5.26 -12.02 20.95
N VAL A 251 -5.15 -10.92 21.69
CA VAL A 251 -5.58 -10.90 23.09
C VAL A 251 -7.09 -11.05 23.18
N GLU A 252 -7.84 -10.23 22.43
CA GLU A 252 -9.29 -10.30 22.51
C GLU A 252 -9.82 -11.63 22.00
N SER A 253 -9.26 -12.12 20.89
CA SER A 253 -9.70 -13.39 20.33
C SER A 253 -9.43 -14.54 21.29
N LEU A 254 -8.28 -14.52 21.97
CA LEU A 254 -7.99 -15.60 22.92
C LEU A 254 -8.78 -15.47 24.21
N ILE A 255 -9.11 -14.25 24.63
CA ILE A 255 -10.03 -14.08 25.75
C ILE A 255 -11.39 -14.67 25.40
N HIS A 256 -11.86 -14.43 24.18
CA HIS A 256 -13.11 -15.04 23.74
C HIS A 256 -13.00 -16.56 23.66
N ALA A 257 -11.85 -17.06 23.23
CA ALA A 257 -11.67 -18.50 23.06
C ALA A 257 -11.67 -19.21 24.41
N TRP A 258 -10.94 -18.68 25.39
CA TRP A 258 -10.92 -19.30 26.71
C TRP A 258 -12.29 -19.23 27.38
N GLU A 259 -13.02 -18.13 27.17
CA GLU A 259 -14.31 -17.94 27.82
C GLU A 259 -15.43 -18.72 27.14
N HIS A 260 -15.18 -19.40 26.03
CA HIS A 260 -16.27 -20.01 25.28
C HIS A 260 -15.91 -21.35 24.67
N LEU A 261 -14.69 -21.48 24.12
CA LEU A 261 -14.39 -22.56 23.18
C LEU A 261 -13.19 -23.41 23.57
N LEU A 262 -12.85 -23.51 24.85
CA LEU A 262 -11.62 -24.17 25.23
C LEU A 262 -11.80 -25.06 26.45
N LEU A 263 -11.00 -26.11 26.50
CA LEU A 263 -10.87 -26.98 27.67
C LEU A 263 -9.65 -26.57 28.48
N GLN A 264 -9.69 -26.87 29.77
CA GLN A 264 -8.61 -26.48 30.68
C GLN A 264 -7.43 -27.43 30.60
N VAL A 280 -3.25 -23.93 23.90
CA VAL A 280 -3.18 -22.84 22.94
C VAL A 280 -1.78 -22.72 22.36
N ILE A 281 -1.70 -22.68 21.03
CA ILE A 281 -0.45 -22.47 20.31
C ILE A 281 -0.58 -21.18 19.52
N PRO A 282 0.27 -20.17 19.76
CA PRO A 282 1.42 -20.19 20.68
C PRO A 282 1.04 -20.18 22.15
N ALA A 283 1.89 -20.77 22.98
CA ALA A 283 1.62 -20.85 24.41
C ALA A 283 1.99 -19.56 25.13
N SER A 284 3.09 -18.91 24.72
CA SER A 284 3.55 -17.71 25.39
C SER A 284 4.30 -16.84 24.40
N ALA A 285 4.66 -15.64 24.86
CA ALA A 285 5.42 -14.70 24.05
C ALA A 285 6.25 -13.82 24.97
N VAL A 286 7.50 -13.57 24.59
CA VAL A 286 8.41 -12.72 25.35
C VAL A 286 8.88 -11.62 24.42
N ILE A 287 8.52 -10.37 24.73
CA ILE A 287 8.82 -9.23 23.86
C ILE A 287 10.16 -8.64 24.26
N PHE A 288 11.03 -8.40 23.27
CA PHE A 288 12.34 -7.81 23.48
C PHE A 288 12.45 -6.52 22.68
N GLY A 289 13.29 -5.61 23.17
CA GLY A 289 13.46 -4.32 22.54
C GLY A 289 14.90 -3.86 22.60
N ILE A 290 15.19 -2.81 21.83
CA ILE A 290 16.52 -2.21 21.79
C ILE A 290 16.37 -0.80 21.23
N ALA A 291 17.35 0.05 21.53
CA ALA A 291 17.37 1.42 21.03
C ALA A 291 18.37 1.51 19.89
N VAL A 292 17.94 2.06 18.75
CA VAL A 292 18.75 2.05 17.54
C VAL A 292 18.91 3.46 17.00
N GLU A 293 20.08 3.68 16.38
CA GLU A 293 20.36 4.85 15.57
C GLU A 293 20.21 4.48 14.10
N CYS A 294 19.41 5.27 13.37
CA CYS A 294 19.19 4.99 11.96
C CYS A 294 18.82 6.29 11.26
N ALA A 295 19.59 6.66 10.24
CA ALA A 295 19.34 7.91 9.53
C ALA A 295 18.08 7.84 8.67
N GLU A 296 17.74 6.65 8.18
CA GLU A 296 16.54 6.51 7.35
C GLU A 296 15.27 6.66 8.18
N ILE A 297 15.24 6.02 9.35
CA ILE A 297 14.11 6.19 10.25
C ILE A 297 13.99 7.64 10.70
N ARG A 298 15.12 8.31 10.91
CA ARG A 298 15.11 9.72 11.25
C ARG A 298 14.55 10.56 10.10
N ARG A 299 14.93 10.24 8.86
CA ARG A 299 14.41 10.95 7.71
C ARG A 299 12.91 10.73 7.55
N HIS A 300 12.42 9.56 7.93
CA HIS A 300 11.01 9.26 7.76
C HIS A 300 10.12 9.70 8.92
N HIS A 301 10.69 9.95 10.11
CA HIS A 301 9.86 10.24 11.27
C HIS A 301 10.40 11.40 12.10
N ARG A 302 11.15 12.31 11.49
CA ARG A 302 11.61 13.51 12.17
C ARG A 302 12.13 14.55 11.18
N VAL A 303 11.62 15.77 11.26
CA VAL A 303 12.09 16.87 10.42
C VAL A 303 13.38 17.40 11.04
N GLY A 304 14.52 17.06 10.45
CA GLY A 304 15.79 17.48 10.99
C GLY A 304 16.17 18.90 10.61
N VAL A 305 15.92 19.27 9.35
CA VAL A 305 16.27 20.60 8.87
C VAL A 305 15.24 21.61 9.34
N LYS A 306 15.71 22.83 9.61
CA LYS A 306 14.84 23.91 10.05
C LYS A 306 14.72 25.04 9.02
N ASP A 307 15.46 24.96 7.92
CA ASP A 307 15.32 25.90 6.81
C ASP A 307 15.19 25.10 5.52
N VAL A 308 14.21 25.45 4.70
CA VAL A 308 13.90 24.73 3.47
C VAL A 308 14.16 25.69 2.32
N ALA A 309 15.41 25.73 1.85
CA ALA A 309 15.81 26.53 0.70
C ALA A 309 15.44 28.01 0.88
N GLY A 310 15.69 28.53 2.08
CA GLY A 310 15.39 29.91 2.40
C GLY A 310 14.11 30.13 3.17
N ILE A 311 13.30 29.09 3.36
CA ILE A 311 12.05 29.20 4.10
C ILE A 311 12.31 28.73 5.52
N SER A 312 12.23 29.65 6.47
CA SER A 312 12.51 29.35 7.87
C SER A 312 11.29 28.71 8.53
N LEU A 313 11.50 27.54 9.15
CA LEU A 313 10.43 26.87 9.87
C LEU A 313 10.47 27.30 11.33
N PRO A 314 9.40 27.91 11.85
CA PRO A 314 9.43 28.38 13.24
C PRO A 314 9.45 27.21 14.21
N THR A 315 10.16 27.42 15.33
CA THR A 315 10.30 26.36 16.33
C THR A 315 9.00 26.05 17.04
N ASN A 316 8.04 26.98 17.04
CA ASN A 316 6.74 26.75 17.64
C ASN A 316 5.83 25.90 16.76
N VAL A 317 6.28 25.51 15.57
CA VAL A 317 5.54 24.62 14.69
C VAL A 317 6.38 23.36 14.54
N LYS A 318 6.04 22.32 15.30
CA LYS A 318 6.79 21.08 15.32
C LYS A 318 6.00 20.00 14.58
N PHE A 319 6.65 19.34 13.63
CA PHE A 319 6.03 18.28 12.85
C PHE A 319 6.15 16.95 13.58
N GLN A 320 5.29 16.01 13.18
CA GLN A 320 5.37 14.66 13.71
C GLN A 320 4.78 13.68 12.70
N SER A 321 5.25 12.45 12.77
CA SER A 321 4.74 11.35 11.96
C SER A 321 3.61 10.65 12.69
N PRO A 322 2.89 9.73 12.03
CA PRO A 322 1.85 8.97 12.74
C PRO A 322 2.38 8.21 13.96
N ALA A 323 2.75 8.96 15.00
CA ALA A 323 3.07 8.38 16.31
C ALA A 323 1.85 8.63 17.20
N TYR A 324 0.87 7.75 17.05
CA TYR A 324 -0.46 7.95 17.62
C TYR A 324 -0.40 8.07 19.15
N SER A 325 -1.47 8.64 19.70
CA SER A 325 -1.61 8.77 21.14
C SER A 325 -3.01 8.33 21.58
N THR A 332 -8.20 3.31 15.08
CA THR A 332 -7.04 3.81 15.79
C THR A 332 -5.80 3.05 15.31
N ILE A 333 -5.17 3.60 14.27
CA ILE A 333 -4.10 2.89 13.58
C ILE A 333 -2.83 2.88 14.43
N GLU A 334 -2.05 1.80 14.27
CA GLU A 334 -0.77 1.49 14.92
C GLU A 334 0.03 2.73 15.31
N PRO A 335 0.47 2.83 16.56
CA PRO A 335 1.33 3.96 16.95
C PRO A 335 2.81 3.67 16.71
N TYR A 336 3.11 2.92 15.65
CA TYR A 336 4.47 2.54 15.31
C TYR A 336 4.50 2.07 13.86
N THR A 337 5.69 1.95 13.31
CA THR A 337 5.88 1.46 11.95
C THR A 337 6.47 0.06 11.98
N THR A 338 6.57 -0.55 10.79
CA THR A 338 7.13 -1.88 10.63
C THR A 338 8.29 -1.80 9.65
N GLU A 339 9.44 -2.34 10.04
CA GLU A 339 10.64 -2.27 9.22
C GLU A 339 11.36 -3.61 9.24
N LYS A 340 12.05 -3.92 8.16
CA LYS A 340 12.94 -5.08 8.08
C LYS A 340 14.35 -4.59 8.43
N MET A 341 14.62 -4.52 9.72
CA MET A 341 15.89 -3.96 10.20
C MET A 341 17.08 -4.78 9.75
N SER A 342 16.88 -6.04 9.34
CA SER A 342 17.97 -6.85 8.82
C SER A 342 18.46 -6.38 7.46
N ARG A 343 17.76 -5.44 6.82
CA ARG A 343 18.18 -4.87 5.54
C ARG A 343 17.58 -3.46 5.43
N VAL A 344 18.04 -2.57 6.32
CA VAL A 344 17.63 -1.17 6.32
C VAL A 344 18.64 -0.38 5.50
N PRO A 345 18.20 0.59 4.66
CA PRO A 345 19.14 1.36 3.85
C PRO A 345 20.26 2.01 4.66
N GLY A 346 21.48 1.53 4.45
CA GLY A 346 22.63 2.06 5.17
C GLY A 346 23.06 1.18 6.33
N GLY A 347 22.10 0.81 7.18
CA GLY A 347 22.34 0.01 8.35
C GLY A 347 21.72 0.64 9.57
N TYR A 348 22.07 0.11 10.73
CA TYR A 348 21.55 0.63 11.99
C TYR A 348 22.51 0.27 13.11
N LEU A 349 22.64 1.16 14.09
CA LEU A 349 23.55 0.98 15.21
C LEU A 349 22.73 0.63 16.45
N ALA A 350 23.14 -0.43 17.14
CA ALA A 350 22.52 -0.85 18.39
C ALA A 350 23.15 -0.04 19.53
N LEU A 351 22.40 0.95 20.03
CA LEU A 351 22.91 1.81 21.09
C LEU A 351 22.83 1.17 22.47
N THR A 352 21.94 0.20 22.66
CA THR A 352 21.82 -0.49 23.94
C THR A 352 21.90 -2.00 23.76
N GLU A 353 21.49 -2.75 24.78
CA GLU A 353 21.45 -4.20 24.71
C GLU A 353 19.99 -4.67 24.68
N CYS A 354 19.78 -5.84 24.07
CA CYS A 354 18.44 -6.40 23.98
C CYS A 354 17.86 -6.63 25.38
N PHE A 355 16.79 -5.92 25.70
CA PHE A 355 16.18 -5.98 27.02
C PHE A 355 14.72 -6.40 26.90
N GLU A 356 14.22 -7.04 27.95
CA GLU A 356 12.85 -7.54 27.97
C GLU A 356 11.87 -6.40 28.24
N ILE A 357 10.76 -6.41 27.50
CA ILE A 357 9.69 -5.44 27.68
C ILE A 357 8.53 -6.02 28.46
N MET A 358 8.05 -7.20 28.05
CA MET A 358 6.96 -7.86 28.76
C MET A 358 6.90 -9.32 28.35
N THR A 359 6.04 -10.07 29.05
CA THR A 359 5.80 -11.47 28.77
C THR A 359 4.30 -11.72 28.87
N VAL A 360 3.76 -12.46 27.90
CA VAL A 360 2.33 -12.75 27.82
C VAL A 360 2.16 -14.26 27.74
N ASP A 361 1.41 -14.83 28.69
CA ASP A 361 1.09 -16.25 28.70
C ASP A 361 -0.30 -16.41 28.09
N PHE A 362 -0.36 -16.98 26.88
CA PHE A 362 -1.65 -17.19 26.23
C PHE A 362 -2.46 -18.29 26.88
N ASN A 363 -1.90 -19.00 27.85
CA ASN A 363 -2.64 -19.95 28.69
C ASN A 363 -3.00 -19.33 30.04
N ASN A 364 -3.33 -18.04 30.05
CA ASN A 364 -3.61 -17.29 31.28
C ASN A 364 -4.72 -16.29 30.98
N LEU A 365 -5.97 -16.70 31.26
CA LEU A 365 -7.09 -15.79 31.09
C LEU A 365 -7.03 -14.63 32.08
N GLN A 366 -6.52 -14.89 33.30
CA GLN A 366 -6.34 -13.83 34.27
C GLN A 366 -5.44 -12.72 33.72
N GLU A 367 -4.29 -13.10 33.17
CA GLU A 367 -3.36 -12.11 32.63
C GLU A 367 -3.93 -11.43 31.39
N LEU A 368 -4.64 -12.18 30.54
CA LEU A 368 -5.23 -11.60 29.35
C LEU A 368 -6.30 -10.56 29.71
N LYS A 369 -7.03 -10.80 30.79
CA LYS A 369 -8.01 -9.81 31.25
C LYS A 369 -7.32 -8.64 31.92
N SER A 370 -6.27 -8.90 32.70
CA SER A 370 -5.60 -7.84 33.45
C SER A 370 -4.84 -6.89 32.52
N LEU A 371 -4.39 -7.38 31.36
CA LEU A 371 -3.69 -6.50 30.42
C LEU A 371 -4.57 -5.35 29.96
N ALA A 372 -5.88 -5.58 29.83
CA ALA A 372 -6.79 -4.51 29.45
C ALA A 372 -6.91 -3.48 30.57
N THR A 373 -7.06 -3.94 31.81
CA THR A 373 -7.14 -3.06 32.97
C THR A 373 -5.77 -2.78 33.58
N LYS A 374 -4.71 -2.83 32.78
CA LYS A 374 -3.35 -2.63 33.27
C LYS A 374 -2.93 -1.18 33.07
N LYS A 375 -2.22 -0.64 34.05
CA LYS A 375 -1.63 0.68 33.99
C LYS A 375 -0.20 0.59 33.44
N PRO A 376 0.30 1.67 32.84
CA PRO A 376 1.63 1.60 32.23
C PRO A 376 2.72 1.35 33.27
N ASP A 377 3.86 0.83 32.79
CA ASP A 377 4.99 0.52 33.64
C ASP A 377 6.28 1.01 32.98
N LYS A 378 7.23 1.45 33.81
CA LYS A 378 8.44 2.08 33.33
C LYS A 378 9.61 1.11 33.28
N ILE A 379 10.51 1.33 32.31
CA ILE A 379 11.72 0.56 32.15
C ILE A 379 12.86 1.51 31.76
N GLY A 380 14.02 1.31 32.39
CA GLY A 380 15.21 2.08 32.06
C GLY A 380 16.32 1.18 31.56
N VAL A 381 16.97 1.60 30.48
CA VAL A 381 17.98 0.79 29.81
C VAL A 381 19.29 1.59 29.68
N PRO A 382 20.44 1.01 30.01
CA PRO A 382 21.69 1.74 29.87
C PRO A 382 22.22 1.72 28.43
N VAL A 383 23.04 2.71 28.13
CA VAL A 383 23.62 2.90 26.80
C VAL A 383 24.97 2.20 26.75
N ILE A 384 25.21 1.45 25.68
CA ILE A 384 26.49 0.77 25.49
C ILE A 384 27.32 1.37 24.36
N LYS A 385 26.72 2.17 23.47
CA LYS A 385 27.46 2.85 22.42
C LYS A 385 26.92 4.26 22.30
N GLU A 386 27.79 5.25 22.42
CA GLU A 386 27.36 6.64 22.30
C GLU A 386 26.94 6.95 20.88
N GLY A 387 25.79 7.60 20.73
CA GLY A 387 25.25 7.90 19.42
C GLY A 387 24.03 8.79 19.48
N VAL A 388 23.09 8.58 18.56
CA VAL A 388 21.88 9.39 18.46
C VAL A 388 20.67 8.48 18.59
N LEU A 389 19.83 8.74 19.59
CA LEU A 389 18.59 8.00 19.75
C LEU A 389 17.65 8.32 18.60
N ASP A 390 17.41 7.35 17.73
CA ASP A 390 16.53 7.53 16.58
C ASP A 390 15.25 6.71 16.65
N ALA A 391 15.32 5.46 17.10
CA ALA A 391 14.11 4.64 17.15
C ALA A 391 14.24 3.58 18.23
N ILE A 392 13.12 2.97 18.55
CA ILE A 392 13.05 1.81 19.43
C ILE A 392 12.60 0.63 18.59
N VAL A 393 13.50 -0.33 18.38
CA VAL A 393 13.20 -1.52 17.58
C VAL A 393 12.77 -2.63 18.53
N VAL A 394 11.62 -3.24 18.23
CA VAL A 394 11.00 -4.23 19.08
C VAL A 394 10.75 -5.50 18.27
N TRP A 395 11.16 -6.64 18.82
CA TRP A 395 10.81 -7.95 18.26
C TRP A 395 10.34 -8.84 19.39
N PHE A 396 10.15 -10.13 19.14
CA PHE A 396 9.65 -11.01 20.19
C PHE A 396 10.03 -12.45 19.88
N VAL A 397 10.04 -13.26 20.94
CA VAL A 397 10.19 -14.70 20.85
C VAL A 397 8.85 -15.33 21.17
N LEU A 398 8.27 -16.00 20.18
CA LEU A 398 6.98 -16.68 20.30
C LEU A 398 7.25 -18.10 20.77
N GLN A 399 6.87 -18.39 22.02
CA GLN A 399 7.10 -19.70 22.63
C GLN A 399 5.89 -20.58 22.34
N LEU A 400 6.01 -21.45 21.34
CA LEU A 400 4.94 -22.39 21.05
C LEU A 400 4.77 -23.40 22.18
N ASP A 401 5.88 -23.86 22.74
CA ASP A 401 5.89 -24.75 23.90
C ASP A 401 7.29 -24.70 24.50
N ASP A 402 7.58 -25.65 25.40
CA ASP A 402 8.87 -25.67 26.06
C ASP A 402 10.01 -25.97 25.08
N GLU A 403 9.71 -26.67 23.98
CA GLU A 403 10.72 -26.97 22.97
C GLU A 403 10.76 -25.90 21.88
N HIS A 404 9.67 -25.75 21.14
CA HIS A 404 9.66 -24.93 19.94
C HIS A 404 9.45 -23.46 20.28
N SER A 405 10.21 -22.59 19.60
CA SER A 405 10.09 -21.16 19.76
C SER A 405 10.61 -20.48 18.50
N LEU A 406 9.95 -19.38 18.11
CA LEU A 406 10.27 -18.67 16.89
C LEU A 406 10.63 -17.22 17.22
N SER A 407 11.81 -16.79 16.78
CA SER A 407 12.27 -15.44 17.01
C SER A 407 12.07 -14.56 15.79
N THR A 408 11.96 -13.25 16.03
CA THR A 408 11.80 -12.26 14.97
C THR A 408 12.89 -11.19 15.03
N SER A 409 14.03 -11.51 15.62
CA SER A 409 15.11 -10.54 15.77
C SER A 409 15.77 -10.28 14.41
N PRO A 410 16.38 -9.10 14.24
CA PRO A 410 17.06 -8.80 12.98
C PRO A 410 18.21 -9.74 12.66
N SER A 411 18.79 -10.40 13.67
CA SER A 411 19.83 -11.39 13.40
C SER A 411 19.26 -12.66 12.78
N GLU A 412 17.98 -12.94 12.97
CA GLU A 412 17.31 -14.09 12.38
C GLU A 412 16.58 -13.64 11.12
N GLU A 413 16.87 -14.32 10.01
CA GLU A 413 16.23 -14.00 8.73
C GLU A 413 14.99 -14.87 8.59
N THR A 414 13.89 -14.40 9.16
CA THR A 414 12.60 -15.06 9.07
C THR A 414 11.68 -14.25 8.16
N CYS A 415 10.37 -14.50 8.25
CA CYS A 415 9.40 -13.77 7.44
C CYS A 415 8.91 -12.50 8.11
N TRP A 416 8.88 -12.48 9.45
CA TRP A 416 8.29 -11.38 10.18
C TRP A 416 9.14 -10.11 10.05
N GLU A 417 8.64 -9.03 10.61
CA GLU A 417 9.30 -7.73 10.62
C GLU A 417 9.54 -7.30 12.06
N GLN A 418 10.11 -6.11 12.22
CA GLN A 418 10.38 -5.53 13.52
C GLN A 418 9.57 -4.25 13.68
N ALA A 419 9.00 -4.07 14.87
CA ALA A 419 8.26 -2.84 15.16
C ALA A 419 9.24 -1.71 15.44
N VAL A 420 8.91 -0.51 14.99
CA VAL A 420 9.77 0.65 15.12
C VAL A 420 8.94 1.78 15.73
N TYR A 421 9.31 2.18 16.95
CA TYR A 421 8.70 3.34 17.59
C TYR A 421 9.59 4.55 17.38
N PRO A 422 9.10 5.60 16.73
CA PRO A 422 9.94 6.78 16.49
C PRO A 422 10.10 7.62 17.75
N VAL A 423 11.02 8.56 17.69
CA VAL A 423 11.38 9.41 18.82
C VAL A 423 11.15 10.86 18.43
N HIS A 424 10.10 11.46 18.98
CA HIS A 424 9.77 12.86 18.73
C HIS A 424 10.03 13.70 19.97
N ASP A 425 10.11 15.02 19.76
CA ASP A 425 10.10 16.02 20.82
C ASP A 425 11.12 15.77 21.91
N LEU A 426 12.40 16.05 21.63
CA LEU A 426 13.44 16.07 22.65
C LEU A 426 14.40 17.20 22.34
N ALA A 427 14.94 17.81 23.41
CA ALA A 427 15.87 18.91 23.23
C ALA A 427 17.12 18.47 22.48
N ASP A 428 17.69 17.34 22.87
CA ASP A 428 18.85 16.77 22.20
C ASP A 428 18.68 15.26 22.12
N TYR A 429 18.99 14.69 20.96
CA TYR A 429 18.88 13.26 20.73
C TYR A 429 20.20 12.53 20.89
N TRP A 430 21.25 13.24 21.33
CA TRP A 430 22.56 12.62 21.56
C TRP A 430 22.58 11.92 22.92
N ILE A 431 22.95 10.64 22.91
CA ILE A 431 23.11 9.88 24.14
C ILE A 431 24.53 9.37 24.21
N LYS A 432 25.08 9.31 25.42
CA LYS A 432 26.47 8.97 25.65
C LYS A 432 26.59 7.77 26.58
N LEU A 433 27.83 7.31 26.76
CA LEU A 433 28.11 6.24 27.71
C LEU A 433 27.88 6.74 29.12
N GLY A 434 26.93 6.13 29.81
CA GLY A 434 26.52 6.55 31.15
C GLY A 434 25.11 7.08 31.23
N ASP A 435 24.50 7.42 30.10
CA ASP A 435 23.11 7.86 30.08
C ASP A 435 22.18 6.66 29.95
N GLU A 436 20.91 6.89 30.22
CA GLU A 436 19.89 5.85 30.14
C GLU A 436 18.75 6.28 29.23
N VAL A 437 17.96 5.30 28.83
CA VAL A 437 16.73 5.51 28.09
C VAL A 437 15.59 5.00 28.95
N ILE A 438 14.70 5.90 29.36
CA ILE A 438 13.57 5.59 30.24
C ILE A 438 12.30 5.67 29.42
N MET A 439 11.44 4.66 29.53
CA MET A 439 10.23 4.61 28.72
C MET A 439 9.12 3.87 29.44
N GLU A 440 7.89 4.36 29.26
CA GLU A 440 6.70 3.67 29.73
C GLU A 440 6.18 2.73 28.66
N VAL A 441 5.62 1.61 29.08
CA VAL A 441 4.99 0.65 28.19
C VAL A 441 3.58 0.37 28.71
N SER A 442 2.64 0.20 27.78
CA SER A 442 1.27 -0.13 28.15
C SER A 442 0.60 -0.85 26.98
N CYS A 443 -0.26 -1.80 27.33
CA CYS A 443 -1.08 -2.51 26.34
C CYS A 443 -2.54 -2.30 26.67
N GLN A 444 -2.95 -1.04 26.84
CA GLN A 444 -4.26 -0.73 27.38
C GLN A 444 -5.38 -0.96 26.36
N ASP A 445 -5.10 -0.76 25.07
CA ASP A 445 -6.07 -1.01 24.01
C ASP A 445 -5.68 -2.21 23.15
N CYS A 446 -5.01 -3.20 23.77
CA CYS A 446 -4.49 -4.37 23.07
C CYS A 446 -3.57 -3.98 21.92
N TYR A 447 -2.85 -2.87 22.09
CA TYR A 447 -1.86 -2.40 21.13
C TYR A 447 -0.62 -2.00 21.92
N LEU A 448 0.52 -2.60 21.57
CA LEU A 448 1.77 -2.31 22.27
C LEU A 448 2.15 -0.85 22.12
N ARG A 449 2.00 -0.07 23.18
CA ARG A 449 2.24 1.37 23.16
C ARG A 449 3.41 1.70 24.05
N ILE A 450 4.50 2.18 23.44
CA ILE A 450 5.67 2.66 24.18
C ILE A 450 5.64 4.18 24.14
N GLN A 451 5.57 4.79 25.32
CA GLN A 451 5.42 6.23 25.47
C GLN A 451 6.46 6.74 26.45
N SER A 452 6.43 8.05 26.70
CA SER A 452 7.28 8.68 27.71
C SER A 452 8.76 8.32 27.51
N ILE A 453 9.20 8.37 26.26
CA ILE A 453 10.58 8.02 25.92
C ILE A 453 11.45 9.27 26.13
N SER A 454 12.29 9.24 27.16
CA SER A 454 13.14 10.37 27.50
C SER A 454 14.51 9.85 27.90
N VAL A 455 15.48 10.77 27.96
CA VAL A 455 16.85 10.46 28.33
C VAL A 455 17.28 11.40 29.44
N PHE A 456 17.56 10.84 30.62
CA PHE A 456 18.07 11.61 31.75
C PHE A 456 19.59 11.65 31.65
N HIS A 457 20.12 12.78 31.17
CA HIS A 457 21.57 12.91 31.02
C HIS A 457 22.22 12.94 32.39
N SER A 458 23.16 12.02 32.61
CA SER A 458 23.74 11.80 33.93
C SER A 458 24.61 12.99 34.34
N GLU A 459 24.31 13.59 35.48
CA GLU A 459 25.15 14.65 36.05
C GLU A 459 26.44 14.06 36.61
N CYS A 502 1.28 19.65 13.45
CA CYS A 502 1.29 18.97 12.17
C CYS A 502 1.55 17.47 12.29
N VAL A 503 0.76 16.70 11.56
CA VAL A 503 0.93 15.24 11.48
C VAL A 503 1.18 14.93 10.01
N LEU A 504 2.45 15.00 9.60
CA LEU A 504 2.82 14.67 8.23
C LEU A 504 3.13 13.18 8.12
N GLU A 505 2.84 12.62 6.94
CA GLU A 505 3.15 11.22 6.70
C GLU A 505 4.66 11.05 6.54
N SER A 506 5.09 9.79 6.53
CA SER A 506 6.52 9.50 6.41
C SER A 506 7.11 10.08 5.13
N THR A 507 6.38 9.98 4.02
CA THR A 507 6.86 10.55 2.78
C THR A 507 6.90 12.08 2.85
N GLU A 508 5.96 12.70 3.57
CA GLU A 508 6.00 14.15 3.72
C GLU A 508 7.19 14.59 4.59
N ILE A 509 7.47 13.83 5.65
CA ILE A 509 8.63 14.12 6.48
C ILE A 509 9.91 13.99 5.67
N ALA A 510 10.02 12.92 4.88
CA ALA A 510 11.20 12.72 4.05
C ALA A 510 11.29 13.77 2.94
N LEU A 511 10.14 14.29 2.49
CA LEU A 511 10.15 15.40 1.54
C LEU A 511 10.73 16.66 2.17
N LEU A 512 10.29 16.99 3.40
CA LEU A 512 10.88 18.13 4.09
C LEU A 512 12.37 17.91 4.34
N ASN A 513 12.77 16.67 4.62
CA ASN A 513 14.18 16.37 4.83
C ASN A 513 14.96 16.35 3.54
N ASN A 514 14.29 16.18 2.40
CA ASN A 514 14.94 16.18 1.10
C ASN A 514 15.21 17.63 0.70
N ILE A 515 16.49 17.99 0.64
CA ILE A 515 16.89 19.37 0.33
C ILE A 515 17.18 19.55 -1.16
N PRO A 516 17.92 18.65 -1.83
CA PRO A 516 18.17 18.85 -3.27
C PRO A 516 16.91 19.07 -4.10
N TYR A 517 15.82 18.37 -3.74
CA TYR A 517 14.54 18.60 -4.39
C TYR A 517 14.15 20.07 -4.35
N HIS A 518 14.12 20.65 -3.14
CA HIS A 518 13.72 22.04 -2.99
C HIS A 518 14.71 22.99 -3.65
N GLU A 519 16.01 22.66 -3.58
CA GLU A 519 17.01 23.52 -4.22
C GLU A 519 16.80 23.58 -5.72
N GLY A 520 16.68 22.42 -6.37
CA GLY A 520 16.46 22.40 -7.81
C GLY A 520 15.16 23.06 -8.22
N PHE A 521 14.09 22.83 -7.42
CA PHE A 521 12.82 23.46 -7.73
C PHE A 521 12.92 24.98 -7.63
N LYS A 522 13.55 25.48 -6.57
CA LYS A 522 13.73 26.92 -6.41
C LYS A 522 14.53 27.50 -7.57
N MET A 523 15.61 26.82 -7.97
CA MET A 523 16.46 27.35 -9.04
C MET A 523 15.71 27.38 -10.37
N ALA A 524 15.03 26.29 -10.73
CA ALA A 524 14.28 26.27 -11.97
C ALA A 524 13.15 27.28 -11.97
N MET A 525 12.46 27.44 -10.82
CA MET A 525 11.39 28.41 -10.72
C MET A 525 11.92 29.83 -10.90
N LYS A 526 13.05 30.15 -10.24
CA LYS A 526 13.65 31.47 -10.41
C LYS A 526 14.05 31.71 -11.86
N LYS A 527 14.63 30.70 -12.50
CA LYS A 527 15.00 30.81 -13.91
C LYS A 527 13.80 31.17 -14.77
N VAL A 528 12.73 30.36 -14.67
CA VAL A 528 11.57 30.58 -15.52
C VAL A 528 10.90 31.92 -15.20
N LEU A 529 10.79 32.25 -13.91
CA LEU A 529 10.15 33.50 -13.52
C LEU A 529 10.89 34.70 -14.06
N SER A 530 12.22 34.72 -13.91
CA SER A 530 13.01 35.82 -14.44
C SER A 530 12.95 35.86 -15.96
N SER A 531 12.89 34.70 -16.60
CA SER A 531 12.76 34.67 -18.06
C SER A 531 11.42 35.19 -18.54
N LEU A 532 10.38 35.12 -17.70
CA LEU A 532 9.06 35.61 -18.08
C LEU A 532 8.81 37.07 -17.73
N THR A 533 9.68 37.68 -16.92
CA THR A 533 9.49 39.08 -16.58
C THR A 533 9.77 39.98 -17.79
N PRO A 534 9.04 41.09 -17.92
CA PRO A 534 9.12 41.90 -19.15
C PRO A 534 10.50 42.44 -19.47
N GLU A 535 11.34 42.69 -18.46
CA GLU A 535 12.65 43.31 -18.73
C GLU A 535 13.52 42.39 -19.58
N LYS A 536 13.51 41.09 -19.29
CA LYS A 536 14.24 40.13 -20.09
C LYS A 536 13.37 39.44 -21.15
N LEU A 537 12.05 39.55 -21.05
CA LEU A 537 11.17 39.02 -22.08
C LEU A 537 11.28 39.81 -23.37
N GLY A 538 11.60 41.11 -23.28
CA GLY A 538 11.73 41.94 -24.45
C GLY A 538 13.16 42.09 -24.93
N GLU A 565 2.19 43.51 -13.65
CA GLU A 565 1.27 42.37 -13.56
C GLU A 565 1.99 41.17 -12.96
N PRO A 566 1.56 40.74 -11.78
CA PRO A 566 2.24 39.64 -11.10
C PRO A 566 2.07 38.32 -11.82
N LEU A 567 2.95 37.39 -11.50
CA LEU A 567 2.99 36.07 -12.14
C LEU A 567 2.27 35.04 -11.27
N TYR A 568 1.71 34.03 -11.91
CA TYR A 568 0.87 33.04 -11.26
C TYR A 568 1.59 31.70 -11.23
N VAL A 569 1.69 31.10 -10.04
CA VAL A 569 2.33 29.80 -9.84
C VAL A 569 1.30 28.85 -9.25
N LEU A 570 1.18 27.66 -9.84
CA LEU A 570 0.23 26.65 -9.40
C LEU A 570 0.97 25.42 -8.93
N ASP A 571 0.59 24.92 -7.75
CA ASP A 571 1.17 23.71 -7.17
C ASP A 571 0.03 22.72 -6.94
N VAL A 572 0.05 21.61 -7.68
CA VAL A 572 -0.97 20.58 -7.53
C VAL A 572 -0.34 19.30 -7.01
N SER A 573 0.70 19.45 -6.18
CA SER A 573 1.32 18.30 -5.54
C SER A 573 0.38 17.72 -4.49
N GLU A 574 0.18 16.40 -4.55
CA GLU A 574 -0.75 15.73 -3.64
C GLU A 574 -0.12 15.64 -2.26
N GLY A 575 -0.56 16.52 -1.35
CA GLY A 575 -0.08 16.51 0.01
C GLY A 575 0.58 17.81 0.43
N PHE A 576 1.33 17.77 1.53
CA PHE A 576 2.02 18.95 2.02
C PHE A 576 3.18 19.32 1.10
N SER A 577 3.32 20.61 0.83
CA SER A 577 4.38 21.10 -0.06
C SER A 577 4.64 22.56 0.23
N VAL A 578 5.91 22.91 0.40
CA VAL A 578 6.31 24.28 0.70
C VAL A 578 6.78 24.96 -0.58
N LEU A 579 6.58 24.28 -1.72
CA LEU A 579 6.97 24.87 -3.00
C LEU A 579 6.27 26.21 -3.28
N PRO A 580 4.98 26.39 -2.98
CA PRO A 580 4.41 27.75 -3.13
C PRO A 580 5.09 28.78 -2.25
N VAL A 581 5.44 28.42 -1.01
CA VAL A 581 6.13 29.36 -0.14
C VAL A 581 7.51 29.70 -0.68
N ILE A 582 8.17 28.71 -1.29
CA ILE A 582 9.47 28.97 -1.91
C ILE A 582 9.31 29.91 -3.08
N ALA A 583 8.30 29.67 -3.93
CA ALA A 583 8.08 30.54 -5.08
C ALA A 583 7.72 31.96 -4.67
N GLY A 584 7.03 32.12 -3.54
CA GLY A 584 6.61 33.43 -3.09
C GLY A 584 7.75 34.39 -2.81
N THR A 585 8.95 33.88 -2.56
CA THR A 585 10.09 34.73 -2.26
C THR A 585 10.76 35.31 -3.51
N LEU A 586 10.39 34.84 -4.69
CA LEU A 586 11.11 35.19 -5.92
C LEU A 586 10.36 36.27 -6.71
N GLY A 587 10.06 37.38 -6.02
CA GLY A 587 9.48 38.54 -6.68
C GLY A 587 7.96 38.55 -6.69
N GLN A 588 7.38 39.22 -7.68
CA GLN A 588 5.93 39.37 -7.81
C GLN A 588 5.33 38.01 -8.17
N VAL A 589 5.22 37.14 -7.18
CA VAL A 589 4.78 35.77 -7.37
C VAL A 589 3.47 35.56 -6.62
N LYS A 590 2.48 34.98 -7.30
CA LYS A 590 1.22 34.60 -6.70
C LYS A 590 1.15 33.08 -6.60
N PRO A 591 1.51 32.49 -5.45
CA PRO A 591 1.50 31.04 -5.33
C PRO A 591 0.16 30.49 -4.85
N TYR A 592 -0.23 29.36 -5.45
CA TYR A 592 -1.46 28.66 -5.08
C TYR A 592 -1.09 27.25 -4.63
N SER A 593 -1.55 26.88 -3.45
CA SER A 593 -1.27 25.57 -2.87
C SER A 593 -2.55 24.73 -2.89
N SER A 594 -2.46 23.54 -3.48
CA SER A 594 -3.58 22.62 -3.54
C SER A 594 -3.68 21.73 -2.31
N VAL A 595 -2.92 22.04 -1.25
CA VAL A 595 -2.98 21.23 -0.05
C VAL A 595 -4.39 21.28 0.53
N GLU A 596 -4.91 20.12 0.91
CA GLU A 596 -6.31 19.96 1.24
C GLU A 596 -6.60 19.88 2.73
N LYS A 597 -5.58 19.74 3.56
CA LYS A 597 -5.77 19.67 5.00
C LYS A 597 -5.91 21.08 5.58
N ASP A 598 -6.86 21.24 6.50
CA ASP A 598 -7.01 22.51 7.21
C ASP A 598 -5.77 22.79 8.05
N GLN A 599 -5.30 21.77 8.78
CA GLN A 599 -4.08 21.89 9.57
C GLN A 599 -2.89 22.32 8.71
N HIS A 600 -2.75 21.71 7.52
CA HIS A 600 -1.60 22.01 6.68
C HIS A 600 -1.68 23.42 6.12
N ARG A 601 -2.88 23.90 5.79
CA ARG A 601 -3.03 25.27 5.33
C ARG A 601 -2.69 26.27 6.44
N ALA A 602 -3.19 26.01 7.65
CA ALA A 602 -2.83 26.86 8.78
C ALA A 602 -1.32 26.88 9.00
N THR A 603 -0.68 25.71 8.90
CA THR A 603 0.76 25.64 9.09
C THR A 603 1.51 26.41 8.01
N LEU A 604 1.08 26.28 6.75
CA LEU A 604 1.72 27.01 5.67
C LEU A 604 1.60 28.51 5.89
N ASP A 605 0.43 28.97 6.35
CA ASP A 605 0.27 30.40 6.61
C ASP A 605 1.13 30.87 7.78
N ILE A 606 1.24 30.03 8.82
CA ILE A 606 2.10 30.37 9.96
C ILE A 606 3.55 30.47 9.51
N ILE A 607 3.99 29.55 8.65
CA ILE A 607 5.36 29.58 8.14
C ILE A 607 5.57 30.83 7.28
N CYS A 608 4.57 31.19 6.47
CA CYS A 608 4.65 32.41 5.69
C CYS A 608 4.85 33.63 6.60
N GLU A 609 4.07 33.71 7.68
CA GLU A 609 4.28 34.80 8.64
C GLU A 609 5.67 34.75 9.24
N ALA A 610 6.17 33.53 9.52
CA ALA A 610 7.51 33.39 10.06
C ALA A 610 8.57 33.88 9.08
N ASN A 611 8.28 33.86 7.79
CA ASN A 611 9.18 34.38 6.77
C ASN A 611 8.81 35.79 6.32
N HIS A 612 8.02 36.50 7.13
CA HIS A 612 7.64 37.90 6.85
C HIS A 612 6.95 38.02 5.49
N PHE A 613 5.94 37.18 5.28
CA PHE A 613 5.14 37.18 4.06
C PHE A 613 3.87 38.00 4.25
N PRO A 614 3.48 38.79 3.26
CA PRO A 614 2.12 39.34 3.26
C PRO A 614 1.10 38.21 3.18
N LYS A 615 0.22 38.15 4.17
CA LYS A 615 -0.67 37.01 4.32
C LYS A 615 -1.60 36.82 3.12
N ASP A 616 -1.80 37.86 2.31
CA ASP A 616 -2.62 37.74 1.11
C ASP A 616 -1.92 36.93 0.02
N THR A 617 -0.61 36.73 0.13
CA THR A 617 0.15 36.09 -0.93
C THR A 617 -0.25 34.62 -1.10
N LEU A 618 -0.01 33.81 -0.08
CA LEU A 618 -0.28 32.37 -0.15
C LEU A 618 -1.78 32.14 -0.14
N GLU A 619 -2.34 31.79 -1.29
CA GLU A 619 -3.74 31.41 -1.40
C GLU A 619 -3.84 29.90 -1.56
N PHE A 620 -4.80 29.30 -0.87
CA PHE A 620 -4.99 27.86 -0.87
C PHE A 620 -6.08 27.50 -1.87
N TRP A 621 -5.76 26.57 -2.78
CA TRP A 621 -6.59 26.30 -3.93
C TRP A 621 -7.46 25.06 -3.75
N LEU A 622 -7.62 24.59 -2.51
CA LEU A 622 -8.66 23.60 -2.23
C LEU A 622 -9.99 24.23 -2.60
N ARG A 623 -10.54 23.79 -3.72
CA ARG A 623 -11.60 24.52 -4.40
C ARG A 623 -12.95 23.82 -4.37
N HIS A 624 -12.96 22.50 -4.22
CA HIS A 624 -14.08 21.67 -4.61
C HIS A 624 -14.92 21.24 -3.40
N VAL A 625 -16.03 20.57 -3.71
CA VAL A 625 -16.86 19.94 -2.70
C VAL A 625 -16.69 18.42 -2.66
N GLU A 626 -16.43 17.79 -3.81
CA GLU A 626 -16.20 16.35 -3.89
C GLU A 626 -15.50 16.05 -5.20
N ASP A 627 -14.25 16.50 -5.32
CA ASP A 627 -13.40 16.22 -6.48
C ASP A 627 -12.17 15.48 -6.00
N GLU A 628 -11.69 14.54 -6.82
CA GLU A 628 -10.60 13.68 -6.41
C GLU A 628 -9.35 14.50 -6.08
N SER A 629 -8.87 15.28 -7.04
CA SER A 629 -7.77 16.20 -6.84
C SER A 629 -8.18 17.59 -7.31
N ALA A 630 -7.32 18.57 -7.04
CA ALA A 630 -7.60 19.93 -7.48
C ALA A 630 -7.64 20.01 -8.99
N VAL A 631 -8.85 19.92 -9.56
CA VAL A 631 -8.99 19.96 -11.01
C VAL A 631 -8.54 21.32 -11.53
N LEU A 632 -7.97 21.32 -12.73
CA LEU A 632 -7.16 22.43 -13.21
C LEU A 632 -8.01 23.48 -13.91
N GLN A 633 -8.05 24.67 -13.34
CA GLN A 633 -8.55 25.87 -14.01
C GLN A 633 -7.45 26.92 -14.05
N ARG A 634 -7.76 28.08 -14.60
CA ARG A 634 -6.88 29.23 -14.51
C ARG A 634 -7.24 29.99 -13.24
N PRO A 635 -6.53 31.07 -12.88
CA PRO A 635 -6.94 31.86 -11.71
C PRO A 635 -8.29 32.53 -11.87
N LYS A 636 -8.50 33.66 -11.20
CA LYS A 636 -9.76 34.37 -11.36
C LYS A 636 -9.88 35.00 -12.74
N SER A 637 -8.75 35.35 -13.35
CA SER A 637 -8.70 35.79 -14.74
C SER A 637 -8.08 34.69 -15.59
N ASP A 638 -8.18 34.86 -16.90
CA ASP A 638 -7.56 33.91 -17.83
C ASP A 638 -6.08 34.18 -18.03
N LYS A 639 -5.51 35.08 -17.22
CA LYS A 639 -4.07 35.27 -17.17
C LYS A 639 -3.41 33.92 -16.96
N LEU A 640 -2.89 33.35 -18.05
CA LEU A 640 -2.43 31.97 -18.04
C LEU A 640 -1.29 31.79 -17.03
N TRP A 641 -1.18 30.57 -16.51
CA TRP A 641 -0.18 30.26 -15.50
C TRP A 641 1.23 30.44 -16.06
N SER A 642 2.18 30.64 -15.15
CA SER A 642 3.59 30.69 -15.48
C SER A 642 4.35 29.44 -15.06
N ILE A 643 3.97 28.82 -13.95
CA ILE A 643 4.62 27.63 -13.42
C ILE A 643 3.53 26.72 -12.84
N ILE A 644 3.48 25.48 -13.30
CA ILE A 644 2.53 24.49 -12.82
C ILE A 644 3.31 23.27 -12.36
N ILE A 645 3.24 22.98 -11.07
CA ILE A 645 3.99 21.88 -10.46
C ILE A 645 3.06 20.68 -10.39
N LEU A 646 3.14 19.79 -11.37
CA LEU A 646 2.33 18.59 -11.38
C LEU A 646 2.93 17.51 -10.49
N ASP A 647 2.09 16.54 -10.12
CA ASP A 647 2.51 15.36 -9.38
C ASP A 647 2.57 14.19 -10.37
N VAL A 648 3.78 13.74 -10.68
CA VAL A 648 3.99 12.75 -11.72
C VAL A 648 4.28 11.36 -11.16
N ILE A 649 5.04 11.29 -10.07
CA ILE A 649 5.50 10.01 -9.53
C ILE A 649 4.77 9.74 -8.22
N GLU A 650 4.13 8.58 -8.14
CA GLU A 650 3.52 8.15 -6.89
C GLU A 650 4.61 7.76 -5.89
N PRO A 651 4.43 8.09 -4.61
CA PRO A 651 5.41 7.64 -3.61
C PRO A 651 5.55 6.13 -3.50
N SER A 652 4.65 5.36 -4.15
CA SER A 652 4.81 3.92 -4.21
C SER A 652 5.92 3.49 -5.16
N GLY A 653 6.30 4.35 -6.10
CA GLY A 653 7.29 4.03 -7.11
C GLY A 653 6.74 3.95 -8.51
N LEU A 654 5.42 3.95 -8.67
CA LEU A 654 4.80 3.90 -9.99
C LEU A 654 4.49 5.31 -10.49
N ILE A 655 4.27 5.42 -11.80
CA ILE A 655 3.90 6.70 -12.39
C ILE A 655 2.46 7.00 -12.05
N GLN A 656 2.21 8.20 -11.53
CA GLN A 656 0.86 8.57 -11.10
C GLN A 656 -0.07 8.63 -12.29
N GLN A 657 -1.28 8.09 -12.10
CA GLN A 657 -2.20 7.87 -13.21
C GLN A 657 -2.69 9.17 -13.81
N GLU A 658 -3.22 9.08 -15.04
CA GLU A 658 -3.75 10.21 -15.78
C GLU A 658 -2.71 11.31 -15.96
N ILE A 659 -1.46 10.90 -16.15
CA ILE A 659 -0.37 11.87 -16.18
C ILE A 659 -0.34 12.62 -17.52
N MET A 660 -0.39 11.90 -18.64
CA MET A 660 -0.32 12.57 -19.93
C MET A 660 -1.60 13.35 -20.21
N GLU A 661 -2.74 12.87 -19.73
CA GLU A 661 -3.99 13.60 -19.91
C GLU A 661 -3.98 14.91 -19.13
N LYS A 662 -3.58 14.85 -17.86
CA LYS A 662 -3.47 16.06 -17.06
C LYS A 662 -2.43 17.02 -17.64
N ALA A 663 -1.34 16.48 -18.21
CA ALA A 663 -0.34 17.34 -18.82
C ALA A 663 -0.87 18.02 -20.08
N ALA A 664 -1.65 17.28 -20.88
CA ALA A 664 -2.28 17.89 -22.06
C ALA A 664 -3.29 18.95 -21.66
N ILE A 665 -3.99 18.75 -20.55
CA ILE A 665 -4.87 19.80 -20.04
C ILE A 665 -4.05 21.02 -19.61
N SER A 666 -2.95 20.79 -18.89
CA SER A 666 -2.17 21.90 -18.35
C SER A 666 -1.45 22.69 -19.44
N ARG A 667 -1.10 22.03 -20.56
CA ARG A 667 -0.38 22.72 -21.62
C ARG A 667 -1.18 23.87 -22.22
N CYS A 668 -2.51 23.78 -22.17
CA CYS A 668 -3.35 24.84 -22.71
C CYS A 668 -3.47 26.04 -21.77
N LEU A 669 -3.12 25.86 -20.50
CA LEU A 669 -3.26 26.91 -19.50
C LEU A 669 -1.95 27.65 -19.24
N LEU A 670 -0.93 27.43 -20.05
CA LEU A 670 0.34 28.13 -19.92
C LEU A 670 0.37 29.33 -20.87
N GLN A 671 0.97 30.42 -20.41
CA GLN A 671 1.16 31.58 -21.27
C GLN A 671 2.31 31.33 -22.25
N SER A 672 2.49 32.27 -23.18
CA SER A 672 3.55 32.17 -24.18
C SER A 672 4.90 32.28 -23.47
N GLY A 673 5.29 31.19 -22.83
CA GLY A 673 6.54 31.15 -22.08
C GLY A 673 6.44 30.38 -20.79
N GLY A 674 5.23 29.95 -20.43
CA GLY A 674 5.03 29.19 -19.21
C GLY A 674 5.67 27.82 -19.27
N LYS A 675 5.74 27.17 -18.11
CA LYS A 675 6.38 25.88 -17.98
C LYS A 675 5.58 24.98 -17.05
N ILE A 676 5.63 23.69 -17.33
CA ILE A 676 5.07 22.65 -16.48
C ILE A 676 6.23 21.89 -15.84
N PHE A 677 6.22 21.79 -14.51
CA PHE A 677 7.27 21.09 -13.81
C PHE A 677 6.75 19.77 -13.26
N PRO A 678 7.44 18.65 -13.52
CA PRO A 678 8.69 18.58 -14.30
C PRO A 678 8.46 18.74 -15.81
N GLN A 679 9.51 19.17 -16.52
CA GLN A 679 9.38 19.34 -17.96
C GLN A 679 9.37 18.01 -18.67
N TYR A 680 10.20 17.06 -18.23
CA TYR A 680 10.11 15.70 -18.74
C TYR A 680 10.70 14.73 -17.71
N VAL A 681 10.48 13.44 -17.94
CA VAL A 681 10.81 12.39 -16.99
C VAL A 681 11.41 11.22 -17.74
N LEU A 682 12.56 10.73 -17.29
CA LEU A 682 13.23 9.58 -17.88
C LEU A 682 13.14 8.41 -16.92
N MET A 683 12.39 7.38 -17.31
CA MET A 683 12.24 6.16 -16.54
C MET A 683 13.37 5.19 -16.86
N PHE A 684 14.19 4.89 -15.87
CA PHE A 684 15.35 4.01 -15.97
C PHE A 684 15.08 2.71 -15.23
N GLY A 685 15.80 1.66 -15.63
CA GLY A 685 15.65 0.36 -14.99
C GLY A 685 16.78 -0.56 -15.39
N LEU A 686 16.78 -1.74 -14.76
CA LEU A 686 17.80 -2.76 -15.03
C LEU A 686 17.24 -4.12 -14.66
N LEU A 687 17.98 -5.17 -15.04
CA LEU A 687 17.61 -6.55 -14.77
C LEU A 687 18.48 -7.09 -13.64
N VAL A 688 17.84 -7.76 -12.68
CA VAL A 688 18.51 -8.27 -11.48
C VAL A 688 18.10 -9.71 -11.22
N GLU A 689 18.76 -10.31 -10.24
CA GLU A 689 18.44 -11.64 -9.73
C GLU A 689 18.15 -11.52 -8.25
N SER A 690 16.89 -11.72 -7.86
CA SER A 690 16.48 -11.54 -6.46
C SER A 690 15.53 -12.66 -6.07
N GLN A 691 16.02 -13.58 -5.23
CA GLN A 691 15.15 -14.55 -4.59
C GLN A 691 14.17 -13.85 -3.65
N THR A 692 14.57 -12.71 -3.09
CA THR A 692 13.72 -11.98 -2.15
C THR A 692 12.46 -11.49 -2.83
N LEU A 693 12.59 -10.86 -4.00
CA LEU A 693 11.41 -10.37 -4.71
C LEU A 693 10.53 -11.53 -5.17
N MET A 694 11.14 -12.62 -5.63
CA MET A 694 10.39 -13.79 -6.04
C MET A 694 9.53 -14.32 -4.89
N GLU A 695 10.13 -14.52 -3.72
CA GLU A 695 9.38 -15.03 -2.57
C GLU A 695 8.48 -13.98 -1.95
N GLU A 696 8.68 -12.71 -2.28
CA GLU A 696 7.74 -11.67 -1.86
C GLU A 696 6.49 -11.64 -2.71
N SER A 697 6.62 -11.96 -4.01
CA SER A 697 5.49 -11.89 -4.92
C SER A 697 4.62 -13.16 -4.89
N ALA A 698 5.24 -14.34 -4.94
CA ALA A 698 4.49 -15.58 -5.06
C ALA A 698 5.09 -16.63 -4.12
N VAL A 699 4.37 -17.75 -4.01
CA VAL A 699 4.79 -18.88 -3.19
C VAL A 699 5.58 -19.85 -4.06
N GLN A 700 6.63 -20.45 -3.48
CA GLN A 700 7.56 -21.28 -4.24
C GLN A 700 7.23 -22.77 -4.02
N GLY A 701 6.07 -23.15 -4.55
CA GLY A 701 5.66 -24.55 -4.60
C GLY A 701 5.53 -25.25 -3.25
N ALA A 702 5.38 -26.57 -3.33
CA ALA A 702 5.25 -27.40 -2.15
C ALA A 702 6.55 -27.51 -1.35
N GLU A 703 7.65 -26.97 -1.87
CA GLU A 703 8.90 -26.95 -1.13
C GLU A 703 8.74 -26.23 0.20
N ARG A 704 8.30 -24.98 0.17
CA ARG A 704 8.21 -24.18 1.37
C ARG A 704 7.07 -24.65 2.27
N THR A 705 5.95 -25.04 1.68
CA THR A 705 4.75 -25.44 2.42
C THR A 705 4.80 -26.89 2.88
N LEU A 706 5.92 -27.58 2.70
CA LEU A 706 6.12 -28.95 3.17
C LEU A 706 5.08 -29.91 2.58
N GLY A 707 5.12 -30.03 1.25
CA GLY A 707 4.31 -30.99 0.53
C GLY A 707 2.92 -30.53 0.16
N PHE A 708 2.28 -29.72 0.99
CA PHE A 708 0.93 -29.27 0.70
C PHE A 708 0.91 -28.36 -0.51
N ASN A 709 -0.08 -28.58 -1.38
CA ASN A 709 -0.19 -27.85 -2.65
C ASN A 709 -1.01 -26.59 -2.41
N ILE A 710 -0.33 -25.47 -2.19
CA ILE A 710 -1.00 -24.19 -1.99
C ILE A 710 -0.61 -23.15 -3.04
N ALA A 711 0.54 -23.31 -3.69
CA ALA A 711 1.00 -22.29 -4.65
C ALA A 711 0.04 -22.04 -5.80
N PRO A 712 -0.52 -23.06 -6.48
CA PRO A 712 -1.41 -22.76 -7.61
C PRO A 712 -2.65 -21.97 -7.23
N PHE A 713 -3.13 -22.10 -6.00
CA PHE A 713 -4.34 -21.41 -5.59
C PHE A 713 -4.07 -19.96 -5.19
N ILE A 714 -3.00 -19.73 -4.45
CA ILE A 714 -2.74 -18.39 -3.93
C ILE A 714 -1.93 -17.53 -4.92
N ASN A 715 -1.14 -18.15 -5.79
CA ASN A 715 -0.40 -17.39 -6.79
C ASN A 715 -1.31 -16.80 -7.86
N GLN A 716 -2.59 -17.18 -7.89
CA GLN A 716 -3.55 -16.51 -8.74
C GLN A 716 -3.66 -15.03 -8.39
N PHE A 717 -3.37 -14.68 -7.13
CA PHE A 717 -3.48 -13.31 -6.65
C PHE A 717 -2.15 -12.58 -6.64
N GLN A 718 -1.10 -13.18 -7.20
CA GLN A 718 0.18 -12.51 -7.29
C GLN A 718 0.12 -11.38 -8.32
N VAL A 719 0.88 -10.32 -8.05
CA VAL A 719 0.86 -9.13 -8.89
C VAL A 719 2.23 -8.98 -9.56
N PRO A 720 2.31 -8.32 -10.72
CA PRO A 720 3.59 -8.27 -11.43
C PRO A 720 4.58 -7.25 -10.92
N VAL A 721 4.16 -6.31 -10.07
CA VAL A 721 5.01 -5.21 -9.65
C VAL A 721 5.07 -5.15 -8.13
N ARG A 722 6.29 -5.13 -7.58
CA ARG A 722 6.51 -4.76 -6.20
C ARG A 722 6.60 -3.25 -6.07
N VAL A 723 5.93 -2.69 -5.07
CA VAL A 723 5.93 -1.26 -4.84
C VAL A 723 6.53 -0.99 -3.46
N PHE A 724 6.86 0.28 -3.21
CA PHE A 724 7.50 0.72 -1.98
C PHE A 724 8.80 -0.04 -1.72
N LEU A 725 9.68 -0.01 -2.71
CA LEU A 725 10.96 -0.69 -2.64
C LEU A 725 12.10 0.29 -2.39
N ASP A 726 13.07 -0.14 -1.60
CA ASP A 726 14.30 0.59 -1.38
C ASP A 726 15.43 -0.19 -2.07
N LEU A 727 15.76 0.20 -3.29
CA LEU A 727 16.87 -0.42 -4.01
C LEU A 727 18.20 -0.21 -3.31
N ALA A 728 18.27 0.76 -2.39
CA ALA A 728 19.50 0.97 -1.63
C ALA A 728 19.87 -0.27 -0.82
N SER A 729 18.87 -0.94 -0.25
CA SER A 729 19.12 -2.15 0.52
C SER A 729 18.32 -3.33 -0.05
N LEU A 730 18.36 -3.50 -1.37
CA LEU A 730 17.67 -4.61 -2.01
C LEU A 730 18.60 -5.80 -2.13
N PRO A 731 18.29 -6.94 -1.54
CA PRO A 731 19.15 -8.13 -1.68
C PRO A 731 18.97 -8.77 -3.05
N CYS A 732 19.97 -8.60 -3.92
CA CYS A 732 19.89 -9.11 -5.27
C CYS A 732 21.30 -9.18 -5.85
N ILE A 733 21.37 -9.61 -7.11
CA ILE A 733 22.61 -9.64 -7.87
C ILE A 733 22.34 -8.97 -9.23
N PRO A 734 22.87 -7.77 -9.47
CA PRO A 734 22.64 -7.11 -10.76
C PRO A 734 23.18 -7.94 -11.91
N LEU A 735 22.48 -7.86 -13.05
CA LEU A 735 22.82 -8.63 -14.23
C LEU A 735 22.99 -7.80 -15.49
N SER A 736 22.73 -6.49 -15.43
CA SER A 736 22.85 -5.63 -16.60
C SER A 736 23.16 -4.22 -16.15
N LYS A 737 23.39 -3.34 -17.12
CA LYS A 737 23.66 -1.92 -16.93
C LYS A 737 22.34 -1.14 -16.95
N PRO A 738 22.19 -0.15 -16.06
CA PRO A 738 20.95 0.64 -16.06
C PRO A 738 20.78 1.40 -17.36
N VAL A 739 19.61 1.22 -17.99
CA VAL A 739 19.31 1.85 -19.27
C VAL A 739 18.02 2.66 -19.13
N GLU A 740 17.77 3.50 -20.13
CA GLU A 740 16.52 4.25 -20.22
C GLU A 740 15.43 3.34 -20.77
N LEU A 741 14.38 3.12 -19.98
CA LEU A 741 13.24 2.37 -20.47
C LEU A 741 12.17 3.25 -21.09
N LEU A 742 12.01 4.47 -20.60
CA LEU A 742 10.92 5.31 -21.09
C LEU A 742 11.30 6.79 -21.00
N ARG A 743 10.73 7.58 -21.89
CA ARG A 743 10.75 9.04 -21.79
C ARG A 743 9.32 9.56 -21.77
N LEU A 744 9.11 10.64 -21.01
CA LEU A 744 7.79 11.24 -20.84
C LEU A 744 7.96 12.76 -20.89
N ASP A 745 7.63 13.37 -22.02
CA ASP A 745 7.68 14.82 -22.16
C ASP A 745 6.32 15.42 -21.80
N LEU A 746 6.32 16.39 -20.89
CA LEU A 746 5.09 17.05 -20.47
C LEU A 746 4.88 18.41 -21.13
N MET A 747 5.90 18.96 -21.79
CA MET A 747 5.72 20.15 -22.61
C MET A 747 5.43 19.80 -24.06
N THR A 748 5.93 18.64 -24.50
CA THR A 748 5.71 18.13 -25.84
C THR A 748 4.77 16.94 -25.78
N PRO A 749 3.60 16.97 -26.46
CA PRO A 749 2.72 15.80 -26.45
C PRO A 749 3.26 14.68 -27.32
N TYR A 750 3.42 14.96 -28.61
CA TYR A 750 3.89 14.04 -29.64
C TYR A 750 5.33 13.60 -29.46
N LEU A 751 5.62 12.98 -28.32
CA LEU A 751 6.94 12.42 -28.05
C LEU A 751 6.81 11.09 -27.33
N ASN A 752 6.31 11.15 -26.09
CA ASN A 752 5.89 10.00 -25.30
C ASN A 752 5.38 8.86 -26.16
N THR A 753 6.22 7.86 -26.42
CA THR A 753 5.86 6.81 -27.36
C THR A 753 5.02 5.76 -26.62
N SER A 754 4.60 4.71 -27.34
CA SER A 754 3.75 3.66 -26.79
C SER A 754 4.58 2.38 -26.69
N ASN A 755 4.52 1.48 -27.66
CA ASN A 755 5.21 0.19 -27.57
C ASN A 755 6.66 0.36 -28.04
N ARG A 756 7.49 0.76 -27.10
CA ARG A 756 8.92 0.92 -27.34
C ARG A 756 9.63 -0.40 -27.03
N GLU A 757 10.79 -0.60 -27.66
CA GLU A 757 11.61 -1.77 -27.39
C GLU A 757 13.04 -1.34 -27.09
N VAL A 758 13.68 -2.07 -26.17
CA VAL A 758 15.02 -1.74 -25.69
C VAL A 758 15.88 -2.99 -25.72
N LYS A 759 17.09 -2.87 -26.28
CA LYS A 759 18.06 -3.95 -26.25
C LYS A 759 18.94 -3.80 -25.01
N VAL A 760 19.09 -4.90 -24.26
CA VAL A 760 19.74 -4.87 -22.95
C VAL A 760 20.97 -5.78 -22.99
N ARG A 761 22.10 -5.26 -22.52
CA ARG A 761 23.36 -5.99 -22.44
C ARG A 761 23.38 -6.80 -21.15
N ILE A 762 23.33 -8.13 -21.25
CA ILE A 762 23.46 -9.00 -20.09
C ILE A 762 24.95 -9.13 -19.79
N CYS A 763 25.41 -8.45 -18.74
CA CYS A 763 26.82 -8.38 -18.41
C CYS A 763 27.23 -9.36 -17.32
N LYS A 764 26.36 -10.29 -16.95
CA LYS A 764 26.72 -11.32 -15.99
C LYS A 764 25.83 -12.54 -16.19
N SER A 765 26.42 -13.72 -16.01
CA SER A 765 25.68 -14.97 -16.12
C SER A 765 24.82 -15.18 -14.88
N GLY A 766 23.58 -15.62 -15.10
CA GLY A 766 22.70 -15.88 -13.98
C GLY A 766 21.23 -16.06 -14.34
N GLN A 767 20.36 -15.54 -13.47
CA GLN A 767 18.94 -15.86 -13.53
C GLN A 767 18.15 -14.57 -13.30
N VAL A 768 17.66 -13.97 -14.38
CA VAL A 768 16.83 -12.77 -14.28
C VAL A 768 15.51 -13.13 -13.60
N THR A 769 15.20 -12.42 -12.51
CA THR A 769 13.95 -12.62 -11.79
C THR A 769 13.09 -11.37 -11.70
N ALA A 770 13.67 -10.17 -11.80
CA ALA A 770 12.90 -8.95 -11.65
C ALA A 770 13.58 -7.81 -12.39
N ILE A 771 12.82 -6.75 -12.62
CA ILE A 771 13.27 -5.54 -13.30
C ILE A 771 12.97 -4.34 -12.41
N PRO A 772 13.89 -3.92 -11.54
CA PRO A 772 13.66 -2.68 -10.78
C PRO A 772 13.74 -1.47 -11.69
N PHE A 773 13.06 -0.40 -11.26
CA PHE A 773 13.05 0.83 -12.05
C PHE A 773 12.74 2.03 -11.16
N TRP A 774 13.27 3.17 -11.61
CA TRP A 774 13.16 4.47 -10.97
C TRP A 774 13.11 5.54 -12.06
N TYR A 775 13.23 6.81 -11.68
CA TYR A 775 13.08 7.90 -12.62
C TYR A 775 14.07 9.02 -12.34
N HIS A 776 14.31 9.82 -13.38
CA HIS A 776 14.98 11.11 -13.29
C HIS A 776 14.05 12.17 -13.84
N MET A 777 13.72 13.16 -13.02
CA MET A 777 12.81 14.24 -13.42
C MET A 777 13.63 15.46 -13.83
N TYR A 778 13.55 15.82 -15.10
CA TYR A 778 14.17 17.03 -15.62
C TYR A 778 13.16 18.17 -15.56
N LEU A 779 13.35 19.08 -14.61
CA LEU A 779 12.58 20.33 -14.57
C LEU A 779 13.10 21.30 -15.61
N ASP A 780 14.39 21.61 -15.54
CA ASP A 780 15.12 22.33 -16.56
C ASP A 780 16.04 21.36 -17.27
N ASP A 781 16.46 21.73 -18.49
CA ASP A 781 17.40 20.90 -19.23
C ASP A 781 18.71 20.69 -18.49
N GLU A 782 19.00 21.52 -17.48
CA GLU A 782 20.16 21.37 -16.63
C GLU A 782 19.86 20.68 -15.31
N ILE A 783 18.73 21.02 -14.69
CA ILE A 783 18.40 20.51 -13.36
C ILE A 783 17.73 19.15 -13.49
N ARG A 784 18.12 18.21 -12.61
CA ARG A 784 17.62 16.86 -12.65
C ARG A 784 17.47 16.34 -11.23
N LEU A 785 16.36 15.65 -10.97
CA LEU A 785 16.07 15.05 -9.67
C LEU A 785 16.06 13.53 -9.82
N ASP A 786 16.89 12.85 -9.03
CA ASP A 786 17.03 11.39 -9.11
C ASP A 786 16.16 10.80 -8.01
N THR A 787 15.07 10.13 -8.40
CA THR A 787 14.16 9.53 -7.42
C THR A 787 14.81 8.34 -6.71
N SER A 788 15.87 7.78 -7.27
CA SER A 788 16.61 6.69 -6.62
C SER A 788 17.65 7.18 -5.63
N SER A 789 17.97 8.48 -5.64
CA SER A 789 18.95 9.02 -4.71
C SER A 789 18.49 8.81 -3.27
N GLU A 790 19.45 8.48 -2.41
CA GLU A 790 19.15 8.18 -1.01
C GLU A 790 18.66 9.39 -0.22
N ALA A 791 18.64 10.58 -0.82
CA ALA A 791 17.99 11.74 -0.23
C ALA A 791 16.54 11.86 -0.63
N SER A 792 16.09 11.08 -1.62
CA SER A 792 14.74 11.21 -2.13
C SER A 792 13.72 10.59 -1.18
N HIS A 793 12.54 11.20 -1.13
CA HIS A 793 11.43 10.66 -0.34
C HIS A 793 10.71 9.55 -1.08
N TRP A 794 10.77 9.55 -2.41
CA TRP A 794 10.07 8.57 -3.22
C TRP A 794 10.62 7.17 -2.96
N LYS A 795 9.92 6.18 -3.50
CA LYS A 795 10.36 4.80 -3.51
C LYS A 795 10.58 4.36 -4.95
N GLN A 796 11.24 3.22 -5.10
CA GLN A 796 11.47 2.61 -6.40
C GLN A 796 10.50 1.45 -6.58
N ALA A 797 10.36 0.99 -7.82
CA ALA A 797 9.45 -0.12 -8.07
C ALA A 797 10.21 -1.23 -8.79
N ALA A 798 9.52 -2.34 -9.05
CA ALA A 798 10.18 -3.49 -9.69
C ALA A 798 9.12 -4.41 -10.28
N VAL A 799 9.32 -4.80 -11.53
CA VAL A 799 8.47 -5.78 -12.20
C VAL A 799 9.04 -7.16 -11.92
N VAL A 800 8.37 -7.92 -11.05
CA VAL A 800 8.82 -9.26 -10.69
C VAL A 800 8.26 -10.25 -11.70
N LEU A 801 9.10 -11.21 -12.09
CA LEU A 801 8.72 -12.18 -13.11
C LEU A 801 8.17 -13.44 -12.47
N ASP A 802 7.37 -14.18 -13.25
CA ASP A 802 6.80 -15.43 -12.79
C ASP A 802 7.81 -16.56 -12.87
N ASN A 803 8.35 -16.82 -14.07
CA ASN A 803 9.33 -17.86 -14.29
C ASN A 803 10.70 -17.23 -14.51
N PRO A 804 11.68 -17.49 -13.66
CA PRO A 804 12.99 -16.87 -13.82
C PRO A 804 13.66 -17.31 -15.13
N ILE A 805 14.39 -16.37 -15.75
CA ILE A 805 14.98 -16.57 -17.06
C ILE A 805 16.47 -16.83 -16.89
N GLN A 806 16.99 -17.82 -17.61
CA GLN A 806 18.41 -18.15 -17.57
C GLN A 806 19.16 -17.34 -18.64
N VAL A 807 20.23 -16.68 -18.22
CA VAL A 807 21.05 -15.87 -19.12
C VAL A 807 22.52 -16.08 -18.79
N GLU A 808 23.38 -15.64 -19.71
CA GLU A 808 24.82 -15.74 -19.55
C GLU A 808 25.48 -14.42 -19.93
N MET A 809 26.70 -14.22 -19.44
CA MET A 809 27.43 -12.98 -19.71
C MET A 809 27.78 -12.89 -21.18
N GLY A 810 27.32 -11.81 -21.83
CA GLY A 810 27.49 -11.62 -23.25
C GLY A 810 26.19 -11.65 -24.03
N ASP A 811 25.12 -12.17 -23.44
CA ASP A 811 23.84 -12.21 -24.11
C ASP A 811 23.22 -10.81 -24.17
N GLU A 812 22.26 -10.64 -25.09
CA GLU A 812 21.55 -9.39 -25.28
C GLU A 812 20.07 -9.70 -25.39
N LEU A 813 19.29 -9.19 -24.45
CA LEU A 813 17.84 -9.44 -24.40
C LEU A 813 17.08 -8.24 -24.97
N VAL A 814 15.76 -8.41 -25.11
CA VAL A 814 14.88 -7.35 -25.60
C VAL A 814 13.78 -7.14 -24.56
N LEU A 815 13.43 -5.88 -24.34
CA LEU A 815 12.35 -5.52 -23.43
C LEU A 815 11.32 -4.70 -24.20
N SER A 816 10.06 -5.12 -24.12
CA SER A 816 8.93 -4.40 -24.72
C SER A 816 8.24 -3.60 -23.61
N ILE A 817 8.15 -2.29 -23.79
CA ILE A 817 7.59 -1.39 -22.81
C ILE A 817 6.39 -0.68 -23.43
N GLN A 818 5.28 -0.67 -22.71
CA GLN A 818 4.08 0.06 -23.12
C GLN A 818 3.72 1.06 -22.04
N HIS A 819 3.47 2.30 -22.45
CA HIS A 819 2.90 3.31 -21.56
C HIS A 819 1.42 3.44 -21.93
N HIS A 820 0.60 2.57 -21.35
CA HIS A 820 -0.83 2.57 -21.62
C HIS A 820 -1.49 3.61 -20.72
N LYS A 821 -1.47 4.85 -21.19
CA LYS A 821 -2.20 5.95 -20.58
C LYS A 821 -1.78 6.18 -19.13
N SER A 822 -2.21 5.30 -18.23
CA SER A 822 -1.95 5.46 -16.80
C SER A 822 -1.16 4.30 -16.22
N ASN A 823 -0.63 3.40 -17.05
CA ASN A 823 0.12 2.25 -16.57
C ASN A 823 1.36 2.04 -17.43
N VAL A 824 2.34 1.36 -16.86
CA VAL A 824 3.57 1.00 -17.55
C VAL A 824 3.72 -0.52 -17.49
N SER A 825 3.88 -1.13 -18.65
CA SER A 825 4.00 -2.58 -18.76
C SER A 825 5.35 -2.92 -19.37
N ILE A 826 6.10 -3.82 -18.71
CA ILE A 826 7.43 -4.21 -19.14
C ILE A 826 7.44 -5.74 -19.31
N THR A 827 7.56 -6.19 -20.54
CA THR A 827 7.67 -7.62 -20.85
C THR A 827 9.03 -7.89 -21.48
N ILE A 828 9.41 -9.16 -21.50
CA ILE A 828 10.75 -9.57 -21.91
C ILE A 828 10.66 -10.55 -23.07
N LYS A 829 11.69 -10.51 -23.93
CA LYS A 829 11.93 -11.54 -24.94
C LYS A 829 13.43 -11.82 -24.98
N GLN A 830 13.77 -13.08 -25.21
CA GLN A 830 15.17 -13.50 -25.21
C GLN A 830 15.87 -13.11 -26.50
N SAH B . -2.91 -17.79 7.22
CA SAH B . -1.84 -18.10 8.16
CB SAH B . -2.15 -17.52 9.53
CG SAH B . -2.39 -16.01 9.55
SD SAH B . -3.51 -15.43 8.26
C SAH B . -1.59 -19.60 8.27
O SAH B . -0.46 -20.05 8.19
OXT SAH B . -2.52 -20.40 8.45
C5' SAH B . -4.23 -14.23 9.43
C4' SAH B . -5.55 -13.65 8.94
O4' SAH B . -6.58 -13.97 9.86
C3' SAH B . -5.50 -12.13 8.83
O3' SAH B . -5.75 -11.74 7.50
C2' SAH B . -6.62 -11.63 9.72
O2' SAH B . -7.41 -10.68 9.04
C1' SAH B . -7.43 -12.87 10.05
N9 SAH B . -7.93 -12.85 11.44
C8 SAH B . -7.43 -12.12 12.48
N7 SAH B . -8.18 -12.41 13.58
C5 SAH B . -9.13 -13.30 13.25
C6 SAH B . -10.14 -13.91 13.97
N6 SAH B . -10.30 -13.65 15.27
N1 SAH B . -10.99 -14.81 13.35
C2 SAH B . -10.82 -15.08 12.00
N3 SAH B . -9.82 -14.46 11.29
C4 SAH B . -8.98 -13.59 11.90
#